data_4LRS
#
_entry.id   4LRS
#
_cell.length_a   149.880
_cell.length_b   92.210
_cell.length_c   56.480
_cell.angle_alpha   90.00
_cell.angle_beta   100.59
_cell.angle_gamma   90.00
#
_symmetry.space_group_name_H-M   'C 1 2 1'
#
loop_
_entity.id
_entity.type
_entity.pdbx_description
1 polymer '4-hydroxy-2-oxovalerate aldolase'
2 polymer 'Acetaldehyde dehydrogenase'
3 polymer 'Symmetric aldolase, C-terminal disordered residues'
4 non-polymer 'SULFATE ION'
5 non-polymer 'PYRUVIC ACID'
6 non-polymer 'CHLORIDE ION'
7 non-polymer 'MAGNESIUM ION'
8 non-polymer GLYCEROL
9 non-polymer DI(HYDROXYETHYL)ETHER
10 non-polymer NICOTINAMIDE-ADENINE-DINUCLEOTIDE
11 non-polymer 'FORMYL GROUP'
12 water water
#
loop_
_entity_poly.entity_id
_entity_poly.type
_entity_poly.pdbx_seq_one_letter_code
_entity_poly.pdbx_strand_id
1 'polypeptide(L)'
;MTDQDGATAAPRVRITDSTLRDGSHAMAHQFTEEQVRATVHALDAAGVEVIEVSHGDGLGGSSFNYGFSAVDEIDLVAAA
VDEAVNAKIAVLLLPGVGTVRDLKRAHDAGASVARIATHCTEADVSCQHFAAARELGMETVGFLMLAHRIGPEELARQAR
IMVDAGAQCVYVVDSAGALVLSDVQARVQALVREIGHEAQVGFHGHQNLSLGVANSVLAYQNGARQIDGALCALGAGAGN
SPTEILAATFERLNIETGVNVQAALAAAEEVVRPYLPRLPWADRAAIVQGYAGVYSSFLLHAERAAERYGVPAHEILQRV
GEAGYVGGQEDMIIDIAVQLAEERHGRPAPAGGRR
;
A
2 'polypeptide(L)'
;MGSSHHHHHHSSGLVPRGSHMGKAVAAIVGPGNIGTDLLIKLQRSEHIEVRYMVGVDPASEGLARARKLGVEASAEGVDW
LLEQDELPDLVFEATSAKAHLANAPRYAEAGITAIDLTPAAVGPLVCPPVNLTEHLDAPNVNMITCGGQATIPIVHAVSR
VVPVAYAEIVAAIASRSAGPGTRANIDEFTETTAAAIEQVGGAARGKAIIILNPVEPPMIMRDTVYCAIPPDADTDAITA
SIEEMVAEVARYVPGYTLRTEPQYDQPRDIWKGMARVAVFLEVRGNGDYLPPWAGNLDIMTAAAARVGELLAQAPRPTRA
GAR
;
B
3 'polypeptide(L)' AAA N
#
# COMPACT_ATOMS: atom_id res chain seq x y z
N ALA A 10 33.75 5.76 -20.44
CA ALA A 10 32.91 5.20 -19.32
C ALA A 10 31.49 5.74 -19.41
N PRO A 11 30.49 4.83 -19.40
CA PRO A 11 29.09 5.25 -19.56
C PRO A 11 28.63 6.21 -18.46
N ARG A 12 27.76 7.13 -18.84
CA ARG A 12 27.29 8.14 -17.90
C ARG A 12 26.23 7.60 -16.95
N VAL A 13 26.11 8.25 -15.81
N VAL A 13 26.15 8.25 -15.79
CA VAL A 13 25.08 7.88 -14.86
CA VAL A 13 25.12 7.98 -14.78
C VAL A 13 24.09 9.03 -14.74
C VAL A 13 24.05 9.04 -14.90
N ARG A 14 22.80 8.68 -14.62
CA ARG A 14 21.77 9.66 -14.43
C ARG A 14 21.35 9.70 -12.97
N ILE A 15 21.56 10.85 -12.35
CA ILE A 15 21.13 11.04 -10.95
C ILE A 15 19.68 11.57 -10.97
N THR A 16 18.80 10.93 -10.20
CA THR A 16 17.50 11.46 -9.83
C THR A 16 17.59 12.03 -8.43
N ASP A 17 17.17 13.27 -8.27
CA ASP A 17 17.12 13.90 -6.96
C ASP A 17 15.75 13.75 -6.28
N SER A 18 15.80 13.31 -5.04
CA SER A 18 14.58 13.11 -4.26
C SER A 18 14.47 13.97 -3.00
N THR A 19 15.18 15.11 -3.01
CA THR A 19 15.00 16.11 -1.97
C THR A 19 13.54 16.40 -1.70
N LEU A 20 12.77 16.51 -2.77
CA LEU A 20 11.38 16.92 -2.66
C LEU A 20 10.38 15.78 -2.66
N ARG A 21 10.84 14.57 -2.38
CA ARG A 21 9.93 13.44 -2.25
C ARG A 21 10.39 12.66 -1.04
N ASP A 22 11.54 11.99 -1.12
CA ASP A 22 12.05 11.32 0.06
C ASP A 22 12.25 12.37 1.16
N GLY A 23 12.78 13.55 0.80
CA GLY A 23 12.96 14.62 1.77
C GLY A 23 11.67 15.05 2.44
N SER A 24 10.54 14.84 1.76
CA SER A 24 9.24 15.17 2.39
C SER A 24 9.05 14.45 3.72
N HIS A 25 9.53 13.22 3.83
CA HIS A 25 9.56 12.52 5.13
C HIS A 25 10.22 13.33 6.25
N ALA A 26 11.40 13.87 5.97
CA ALA A 26 12.17 14.64 6.96
C ALA A 26 11.47 15.96 7.29
N MET A 27 10.75 16.53 6.30
CA MET A 27 9.98 17.77 6.47
C MET A 27 8.59 17.55 7.07
N ALA A 28 8.26 16.29 7.40
CA ALA A 28 6.87 15.93 7.78
C ALA A 28 5.84 16.45 6.77
N HIS A 29 6.25 16.40 5.53
CA HIS A 29 5.39 16.79 4.38
C HIS A 29 4.90 18.22 4.43
N GLN A 30 5.70 19.07 5.04
CA GLN A 30 5.37 20.50 5.21
C GLN A 30 6.01 21.43 4.18
N PHE A 31 6.51 20.88 3.07
CA PHE A 31 7.11 21.72 2.01
C PHE A 31 6.17 22.82 1.54
N THR A 32 6.68 24.04 1.40
CA THR A 32 5.89 25.09 0.75
C THR A 32 6.18 25.13 -0.74
N GLU A 33 5.28 25.77 -1.51
CA GLU A 33 5.55 26.03 -2.92
C GLU A 33 6.86 26.77 -3.10
N GLU A 34 7.10 27.79 -2.27
N GLU A 34 7.12 27.80 -2.29
CA GLU A 34 8.34 28.57 -2.31
CA GLU A 34 8.40 28.53 -2.44
C GLU A 34 9.60 27.71 -2.17
C GLU A 34 9.62 27.62 -2.24
N GLN A 35 9.59 26.77 -1.23
CA GLN A 35 10.69 25.83 -1.04
C GLN A 35 10.88 24.90 -2.24
N VAL A 36 9.78 24.36 -2.76
CA VAL A 36 9.85 23.50 -3.95
C VAL A 36 10.44 24.30 -5.13
N ARG A 37 9.92 25.50 -5.38
CA ARG A 37 10.38 26.30 -6.52
C ARG A 37 11.88 26.60 -6.40
N ALA A 38 12.33 27.01 -5.21
CA ALA A 38 13.73 27.36 -4.98
C ALA A 38 14.63 26.13 -5.17
N THR A 39 14.16 24.99 -4.66
CA THR A 39 14.93 23.77 -4.73
C THR A 39 15.00 23.22 -6.15
N VAL A 40 13.88 23.28 -6.89
CA VAL A 40 13.85 22.82 -8.27
C VAL A 40 14.75 23.71 -9.12
N HIS A 41 14.72 25.00 -8.84
CA HIS A 41 15.53 25.94 -9.62
C HIS A 41 16.99 25.66 -9.44
N ALA A 42 17.40 25.39 -8.19
CA ALA A 42 18.80 25.15 -7.86
C ALA A 42 19.27 23.81 -8.40
N LEU A 43 18.42 22.79 -8.28
CA LEU A 43 18.75 21.50 -8.87
C LEU A 43 18.88 21.54 -10.39
N ASP A 44 17.90 22.16 -11.06
CA ASP A 44 17.86 22.24 -12.50
C ASP A 44 19.08 23.02 -13.02
N ALA A 45 19.40 24.13 -12.37
CA ALA A 45 20.53 24.96 -12.78
C ALA A 45 21.86 24.23 -12.63
N ALA A 46 21.90 23.30 -11.66
CA ALA A 46 23.08 22.44 -11.38
C ALA A 46 23.20 21.31 -12.40
N GLY A 47 22.22 21.17 -13.30
CA GLY A 47 22.29 20.07 -14.27
C GLY A 47 21.59 18.78 -13.89
N VAL A 48 20.91 18.76 -12.74
CA VAL A 48 20.19 17.56 -12.33
C VAL A 48 19.07 17.26 -13.32
N GLU A 49 19.00 16.01 -13.78
CA GLU A 49 18.17 15.70 -14.94
C GLU A 49 16.75 15.27 -14.59
N VAL A 50 16.60 14.70 -13.41
CA VAL A 50 15.27 14.22 -12.96
C VAL A 50 15.13 14.66 -11.54
N ILE A 51 14.03 15.32 -11.22
CA ILE A 51 13.73 15.80 -9.88
C ILE A 51 12.36 15.20 -9.44
N GLU A 52 12.37 14.39 -8.39
CA GLU A 52 11.16 13.75 -7.90
C GLU A 52 10.44 14.68 -6.92
N VAL A 53 9.13 14.81 -7.08
CA VAL A 53 8.30 15.73 -6.26
C VAL A 53 7.03 14.94 -5.94
N SER A 54 6.88 14.48 -4.70
CA SER A 54 5.55 13.95 -4.24
C SER A 54 5.55 13.96 -2.71
N HIS A 55 4.46 13.48 -2.14
CA HIS A 55 4.44 13.19 -0.73
C HIS A 55 5.47 12.11 -0.54
N GLY A 56 6.03 12.04 0.65
CA GLY A 56 7.01 10.99 1.00
C GLY A 56 6.60 9.60 0.57
N ASP A 57 5.33 9.27 0.84
CA ASP A 57 4.81 7.94 0.52
C ASP A 57 4.19 7.92 -0.87
N GLY A 58 4.62 8.85 -1.72
CA GLY A 58 4.10 8.93 -3.08
C GLY A 58 2.76 9.58 -3.22
N LEU A 59 2.31 9.69 -4.46
CA LEU A 59 1.01 10.29 -4.73
C LEU A 59 -0.09 9.63 -3.91
N GLY A 60 -0.94 10.45 -3.32
CA GLY A 60 -2.05 9.97 -2.48
C GLY A 60 -1.53 9.62 -1.11
N GLY A 61 -0.28 9.96 -0.82
CA GLY A 61 0.31 9.66 0.48
C GLY A 61 -0.24 10.50 1.63
N SER A 62 -0.74 11.69 1.34
CA SER A 62 -1.27 12.57 2.40
C SER A 62 -2.39 11.87 3.14
N SER A 63 -2.18 11.65 4.43
CA SER A 63 -3.08 10.79 5.18
C SER A 63 -2.81 10.93 6.70
N PHE A 64 -3.71 10.41 7.53
CA PHE A 64 -3.35 10.25 8.95
C PHE A 64 -2.19 9.30 9.13
N ASN A 65 -2.11 8.25 8.29
CA ASN A 65 -1.14 7.19 8.53
C ASN A 65 0.29 7.70 8.35
N TYR A 66 0.51 8.52 7.35
CA TYR A 66 1.86 8.99 6.99
C TYR A 66 2.06 10.46 7.31
N GLY A 67 0.98 11.17 7.60
CA GLY A 67 1.03 12.63 7.74
C GLY A 67 0.45 13.35 6.54
N PHE A 68 -0.25 14.44 6.83
CA PHE A 68 -0.85 15.25 5.77
C PHE A 68 0.15 16.23 5.21
N SER A 69 0.00 16.49 3.92
CA SER A 69 0.78 17.52 3.24
C SER A 69 0.27 18.90 3.64
N ALA A 70 1.18 19.85 3.76
CA ALA A 70 0.80 21.25 3.99
C ALA A 70 0.17 21.83 2.72
N VAL A 71 0.73 21.44 1.58
CA VAL A 71 0.29 21.91 0.26
C VAL A 71 0.00 20.67 -0.62
N ASP A 72 -1.11 20.67 -1.35
CA ASP A 72 -1.44 19.56 -2.24
C ASP A 72 -0.24 19.23 -3.10
N GLU A 73 0.15 17.94 -3.11
CA GLU A 73 1.34 17.52 -3.84
C GLU A 73 1.18 17.81 -5.33
N ILE A 74 -0.03 17.81 -5.87
CA ILE A 74 -0.22 18.08 -7.29
C ILE A 74 0.12 19.53 -7.59
N ASP A 75 -0.26 20.44 -6.69
CA ASP A 75 0.18 21.84 -6.84
C ASP A 75 1.70 21.96 -6.77
N LEU A 76 2.35 21.17 -5.92
CA LEU A 76 3.79 21.21 -5.86
C LEU A 76 4.42 20.65 -7.14
N VAL A 77 3.84 19.58 -7.66
CA VAL A 77 4.30 19.02 -8.93
C VAL A 77 4.17 20.10 -10.03
N ALA A 78 3.02 20.77 -10.09
CA ALA A 78 2.80 21.80 -11.08
C ALA A 78 3.80 22.94 -10.95
N ALA A 79 4.09 23.33 -9.70
CA ALA A 79 5.07 24.41 -9.47
C ALA A 79 6.47 23.94 -9.91
N ALA A 80 6.82 22.69 -9.61
CA ALA A 80 8.10 22.11 -10.06
C ALA A 80 8.25 22.10 -11.59
N VAL A 81 7.19 21.70 -12.29
CA VAL A 81 7.18 21.67 -13.74
C VAL A 81 7.33 23.09 -14.27
N ASP A 82 6.67 24.05 -13.64
CA ASP A 82 6.73 25.45 -14.12
C ASP A 82 8.14 25.99 -13.95
N GLU A 83 8.77 25.60 -12.84
CA GLU A 83 10.08 26.08 -12.52
C GLU A 83 11.22 25.46 -13.35
N ALA A 84 11.10 24.19 -13.71
CA ALA A 84 12.15 23.45 -14.42
C ALA A 84 12.31 23.92 -15.87
N VAL A 85 13.57 24.07 -16.27
CA VAL A 85 13.93 24.47 -17.63
C VAL A 85 14.42 23.24 -18.41
N ASN A 86 15.27 22.44 -17.80
CA ASN A 86 15.78 21.23 -18.46
C ASN A 86 15.36 19.94 -17.77
N ALA A 87 15.18 19.97 -16.44
CA ALA A 87 14.88 18.73 -15.73
C ALA A 87 13.49 18.18 -15.98
N LYS A 88 13.40 16.85 -15.99
N LYS A 88 13.38 16.85 -15.96
CA LYS A 88 12.11 16.14 -15.94
CA LYS A 88 12.10 16.18 -15.95
C LYS A 88 11.63 16.14 -14.49
C LYS A 88 11.61 16.07 -14.51
N ILE A 89 10.32 16.30 -14.29
CA ILE A 89 9.73 16.10 -12.96
C ILE A 89 9.16 14.66 -12.84
N ALA A 90 9.62 13.97 -11.81
CA ALA A 90 9.21 12.56 -11.54
C ALA A 90 8.24 12.57 -10.38
N VAL A 91 7.36 11.58 -10.37
CA VAL A 91 6.51 11.32 -9.19
C VAL A 91 6.67 9.88 -8.75
N LEU A 92 6.48 9.65 -7.45
CA LEU A 92 6.47 8.29 -6.92
C LEU A 92 5.03 7.88 -6.64
N LEU A 93 4.69 6.63 -6.98
N LEU A 93 4.70 6.61 -6.91
CA LEU A 93 3.44 6.06 -6.51
CA LEU A 93 3.35 6.08 -6.61
C LEU A 93 3.69 4.69 -5.93
C LEU A 93 3.47 4.65 -6.09
N LEU A 94 2.94 4.40 -4.89
CA LEU A 94 2.89 3.06 -4.28
C LEU A 94 1.49 2.48 -4.54
N PRO A 95 1.36 1.47 -5.42
CA PRO A 95 0.06 0.81 -5.48
C PRO A 95 -0.43 0.36 -4.11
N GLY A 96 -1.72 0.58 -3.86
CA GLY A 96 -2.26 0.34 -2.50
C GLY A 96 -2.37 1.63 -1.70
N VAL A 97 -1.61 2.65 -2.12
CA VAL A 97 -1.71 4.00 -1.54
C VAL A 97 -2.18 4.92 -2.66
N GLY A 98 -1.33 5.18 -3.66
CA GLY A 98 -1.74 5.97 -4.82
C GLY A 98 -2.46 5.16 -5.86
N THR A 99 -3.21 5.88 -6.69
CA THR A 99 -4.04 5.26 -7.71
C THR A 99 -3.66 5.75 -9.11
N VAL A 100 -4.18 5.06 -10.13
CA VAL A 100 -4.08 5.56 -11.51
C VAL A 100 -4.66 6.97 -11.66
N ARG A 101 -5.76 7.25 -10.97
N ARG A 101 -5.75 7.23 -10.96
CA ARG A 101 -6.32 8.60 -10.99
CA ARG A 101 -6.35 8.56 -10.92
C ARG A 101 -5.33 9.64 -10.47
C ARG A 101 -5.32 9.59 -10.50
N ASP A 102 -4.58 9.30 -9.42
CA ASP A 102 -3.56 10.22 -8.94
C ASP A 102 -2.46 10.44 -9.98
N LEU A 103 -2.02 9.35 -10.61
CA LEU A 103 -0.99 9.44 -11.64
C LEU A 103 -1.45 10.35 -12.79
N LYS A 104 -2.70 10.19 -13.20
CA LYS A 104 -3.25 11.01 -14.28
C LYS A 104 -3.23 12.50 -13.90
N ARG A 105 -3.58 12.82 -12.64
CA ARG A 105 -3.49 14.20 -12.15
CA ARG A 105 -3.49 14.20 -12.16
C ARG A 105 -2.06 14.72 -12.22
N ALA A 106 -1.08 13.89 -11.84
CA ALA A 106 0.31 14.32 -11.91
C ALA A 106 0.83 14.50 -13.33
N HIS A 107 0.41 13.61 -14.22
CA HIS A 107 0.67 13.79 -15.64
C HIS A 107 0.09 15.08 -16.21
N ASP A 108 -1.14 15.40 -15.83
N ASP A 108 -1.14 15.41 -15.80
CA ASP A 108 -1.80 16.62 -16.31
CA ASP A 108 -1.85 16.62 -16.25
C ASP A 108 -0.99 17.85 -15.83
C ASP A 108 -1.15 17.89 -15.74
N ALA A 109 -0.46 17.75 -14.61
CA ALA A 109 0.35 18.82 -14.00
C ALA A 109 1.74 18.94 -14.65
N GLY A 110 2.13 17.92 -15.43
CA GLY A 110 3.34 18.02 -16.24
C GLY A 110 4.46 17.05 -15.86
N ALA A 111 4.22 16.16 -14.89
CA ALA A 111 5.20 15.13 -14.50
C ALA A 111 5.43 14.21 -15.69
N SER A 112 6.66 13.81 -15.93
CA SER A 112 7.00 13.02 -17.11
C SER A 112 7.70 11.69 -16.80
N VAL A 113 7.97 11.39 -15.53
CA VAL A 113 8.61 10.15 -15.11
C VAL A 113 7.73 9.59 -13.98
N ALA A 114 7.29 8.35 -14.12
CA ALA A 114 6.48 7.68 -13.10
C ALA A 114 7.32 6.61 -12.46
N ARG A 115 7.52 6.69 -11.15
CA ARG A 115 8.33 5.74 -10.40
C ARG A 115 7.33 4.99 -9.55
N ILE A 116 7.18 3.69 -9.84
N ILE A 116 7.19 3.69 -9.81
CA ILE A 116 6.16 2.86 -9.21
CA ILE A 116 6.14 2.89 -9.20
C ILE A 116 6.86 1.93 -8.23
C ILE A 116 6.79 1.87 -8.25
N ALA A 117 6.44 1.97 -6.96
CA ALA A 117 7.15 1.26 -5.89
C ALA A 117 6.30 0.18 -5.30
N THR A 118 6.85 -1.04 -5.23
CA THR A 118 6.21 -2.11 -4.47
C THR A 118 7.17 -2.67 -3.43
N HIS A 119 6.67 -3.37 -2.43
CA HIS A 119 7.58 -4.16 -1.61
C HIS A 119 8.30 -5.10 -2.56
N CYS A 120 9.53 -5.44 -2.24
CA CYS A 120 10.39 -6.20 -3.18
C CYS A 120 9.81 -7.54 -3.64
N THR A 121 8.88 -8.12 -2.88
CA THR A 121 8.33 -9.44 -3.21
C THR A 121 6.97 -9.33 -3.90
N GLU A 122 6.49 -8.09 -4.08
CA GLU A 122 5.14 -7.85 -4.57
C GLU A 122 5.04 -7.10 -5.90
N ALA A 123 5.96 -7.35 -6.84
CA ALA A 123 5.98 -6.54 -8.05
C ALA A 123 4.68 -6.65 -8.80
N ASP A 124 3.97 -7.78 -8.69
CA ASP A 124 2.79 -7.94 -9.55
C ASP A 124 1.61 -6.99 -9.23
N VAL A 125 1.69 -6.26 -8.12
CA VAL A 125 0.66 -5.24 -7.89
C VAL A 125 0.88 -3.97 -8.70
N SER A 126 2.02 -3.87 -9.37
CA SER A 126 2.41 -2.66 -10.09
C SER A 126 1.89 -2.64 -11.52
N CYS A 127 1.28 -3.75 -11.98
CA CYS A 127 0.86 -3.83 -13.39
C CYS A 127 -0.09 -2.72 -13.85
N GLN A 128 -1.10 -2.35 -13.03
CA GLN A 128 -2.09 -1.31 -13.42
C GLN A 128 -1.43 0.05 -13.67
N HIS A 129 -0.54 0.42 -12.74
N HIS A 129 -0.49 0.39 -12.80
N HIS A 129 -0.42 0.35 -12.86
CA HIS A 129 0.20 1.68 -12.77
CA HIS A 129 0.16 1.69 -12.84
CA HIS A 129 0.20 1.66 -12.83
C HIS A 129 1.09 1.77 -13.99
C HIS A 129 1.18 1.82 -13.93
C HIS A 129 1.22 1.83 -13.90
N PHE A 130 1.93 0.76 -14.20
CA PHE A 130 2.90 0.75 -15.33
C PHE A 130 2.15 0.87 -16.66
N ALA A 131 1.06 0.13 -16.80
CA ALA A 131 0.22 0.21 -17.99
C ALA A 131 -0.27 1.63 -18.19
N ALA A 132 -0.81 2.24 -17.14
CA ALA A 132 -1.37 3.59 -17.26
C ALA A 132 -0.24 4.58 -17.59
N ALA A 133 0.89 4.45 -16.93
CA ALA A 133 2.01 5.35 -17.21
C ALA A 133 2.53 5.26 -18.65
N ARG A 134 2.65 4.04 -19.18
CA ARG A 134 3.06 3.87 -20.57
C ARG A 134 2.05 4.42 -21.57
N GLU A 135 0.75 4.27 -21.27
CA GLU A 135 -0.32 4.80 -22.15
C GLU A 135 -0.25 6.34 -22.20
N LEU A 136 0.14 6.95 -21.08
CA LEU A 136 0.33 8.40 -20.97
C LEU A 136 1.60 8.88 -21.67
N GLY A 137 2.48 7.95 -22.04
CA GLY A 137 3.77 8.29 -22.67
C GLY A 137 4.86 8.73 -21.71
N MET A 138 4.70 8.40 -20.43
CA MET A 138 5.66 8.74 -19.38
C MET A 138 6.82 7.74 -19.42
N GLU A 139 8.00 8.20 -19.03
CA GLU A 139 9.10 7.29 -18.70
C GLU A 139 8.72 6.54 -17.41
N THR A 140 9.04 5.24 -17.36
CA THR A 140 8.73 4.44 -16.17
C THR A 140 9.95 3.90 -15.45
N VAL A 141 9.85 3.91 -14.13
CA VAL A 141 10.87 3.35 -13.25
C VAL A 141 10.16 2.50 -12.21
N GLY A 142 10.69 1.31 -11.97
CA GLY A 142 10.13 0.44 -10.94
C GLY A 142 11.01 0.46 -9.69
N PHE A 143 10.38 0.54 -8.52
CA PHE A 143 11.11 0.53 -7.26
C PHE A 143 10.77 -0.75 -6.51
N LEU A 144 11.78 -1.56 -6.22
CA LEU A 144 11.64 -2.75 -5.33
C LEU A 144 12.14 -2.42 -3.93
N MET A 145 11.19 -2.04 -3.07
CA MET A 145 11.48 -1.56 -1.73
C MET A 145 11.95 -2.63 -0.75
N LEU A 146 12.71 -2.18 0.22
CA LEU A 146 13.29 -3.05 1.25
C LEU A 146 14.04 -4.24 0.63
N ALA A 147 14.90 -3.92 -0.31
CA ALA A 147 15.53 -4.94 -1.17
C ALA A 147 16.53 -5.85 -0.46
N HIS A 148 16.89 -5.55 0.77
CA HIS A 148 17.72 -6.42 1.59
C HIS A 148 16.96 -7.65 2.07
N ARG A 149 15.62 -7.62 1.98
CA ARG A 149 14.80 -8.65 2.62
C ARG A 149 14.82 -9.96 1.85
N ILE A 150 15.21 -9.91 0.58
CA ILE A 150 15.29 -11.13 -0.26
C ILE A 150 16.60 -11.12 -1.00
N GLY A 151 16.97 -12.28 -1.55
CA GLY A 151 18.24 -12.46 -2.23
C GLY A 151 18.23 -11.94 -3.65
N PRO A 152 19.43 -11.92 -4.27
CA PRO A 152 19.62 -11.39 -5.60
C PRO A 152 18.73 -12.01 -6.67
N GLU A 153 18.69 -13.35 -6.71
CA GLU A 153 17.92 -13.98 -7.77
C GLU A 153 16.42 -13.78 -7.61
N GLU A 154 15.93 -13.85 -6.37
CA GLU A 154 14.51 -13.56 -6.12
C GLU A 154 14.17 -12.12 -6.51
N LEU A 155 15.07 -11.20 -6.18
CA LEU A 155 14.87 -9.81 -6.56
C LEU A 155 14.86 -9.64 -8.08
N ALA A 156 15.72 -10.37 -8.79
CA ALA A 156 15.75 -10.27 -10.26
C ALA A 156 14.45 -10.78 -10.87
N ARG A 157 13.85 -11.80 -10.24
CA ARG A 157 12.57 -12.35 -10.73
C ARG A 157 11.46 -11.28 -10.62
N GLN A 158 11.49 -10.52 -9.53
CA GLN A 158 10.53 -9.43 -9.33
C GLN A 158 10.79 -8.29 -10.31
N ALA A 159 12.08 -8.02 -10.56
CA ALA A 159 12.43 -7.05 -11.62
C ALA A 159 11.89 -7.41 -12.98
N ARG A 160 12.03 -8.68 -13.37
CA ARG A 160 11.43 -9.16 -14.62
C ARG A 160 9.92 -8.89 -14.69
N ILE A 161 9.20 -9.13 -13.59
CA ILE A 161 7.77 -8.87 -13.55
C ILE A 161 7.46 -7.41 -13.85
N MET A 162 8.27 -6.51 -13.28
CA MET A 162 8.11 -5.08 -13.56
C MET A 162 8.43 -4.70 -15.00
N VAL A 163 9.53 -5.24 -15.55
CA VAL A 163 9.86 -4.98 -16.95
C VAL A 163 8.76 -5.49 -17.88
N ASP A 164 8.27 -6.70 -17.64
CA ASP A 164 7.17 -7.23 -18.46
C ASP A 164 5.92 -6.37 -18.40
N ALA A 165 5.72 -5.71 -17.26
CA ALA A 165 4.58 -4.82 -17.04
C ALA A 165 4.77 -3.43 -17.67
N GLY A 166 5.98 -3.11 -18.12
CA GLY A 166 6.24 -1.79 -18.70
C GLY A 166 7.33 -0.93 -18.08
N ALA A 167 7.99 -1.39 -17.02
CA ALA A 167 9.10 -0.62 -16.43
C ALA A 167 10.27 -0.52 -17.38
N GLN A 168 10.85 0.67 -17.48
CA GLN A 168 12.03 0.88 -18.33
C GLN A 168 13.33 0.89 -17.55
N CYS A 169 13.20 0.92 -16.23
CA CYS A 169 14.32 0.79 -15.30
C CYS A 169 13.74 0.13 -14.07
N VAL A 170 14.52 -0.69 -13.37
CA VAL A 170 14.13 -1.19 -12.04
C VAL A 170 15.26 -0.92 -11.06
N TYR A 171 14.90 -0.27 -9.97
CA TYR A 171 15.84 -0.02 -8.87
C TYR A 171 15.89 -1.09 -7.80
N VAL A 172 17.11 -1.29 -7.34
CA VAL A 172 17.35 -1.90 -6.05
C VAL A 172 17.19 -0.75 -5.04
N VAL A 173 16.24 -0.87 -4.11
CA VAL A 173 15.93 0.25 -3.19
C VAL A 173 16.26 -0.18 -1.75
N ASP A 174 17.28 0.46 -1.19
CA ASP A 174 17.70 0.09 0.16
C ASP A 174 16.90 0.99 1.12
N SER A 175 15.63 0.64 1.27
CA SER A 175 14.69 1.47 2.04
C SER A 175 15.06 1.59 3.51
N ALA A 176 15.75 0.60 4.04
CA ALA A 176 16.14 0.57 5.42
C ALA A 176 17.56 1.04 5.64
N GLY A 177 18.28 1.34 4.56
CA GLY A 177 19.73 1.61 4.65
C GLY A 177 20.46 0.44 5.30
N ALA A 178 20.10 -0.79 4.88
CA ALA A 178 20.57 -2.01 5.53
C ALA A 178 21.52 -2.80 4.65
N LEU A 179 21.66 -2.44 3.39
CA LEU A 179 22.56 -3.18 2.53
C LEU A 179 24.01 -2.77 2.68
N VAL A 180 24.89 -3.76 2.64
CA VAL A 180 26.29 -3.49 2.78
C VAL A 180 27.09 -3.93 1.58
N LEU A 181 27.56 -2.97 0.81
CA LEU A 181 28.51 -3.14 -0.30
C LEU A 181 28.34 -4.35 -1.23
N SER A 182 28.91 -5.47 -0.87
CA SER A 182 28.74 -6.60 -1.74
C SER A 182 27.31 -7.01 -1.90
N ASP A 183 26.47 -6.64 -0.93
CA ASP A 183 25.05 -6.92 -0.98
C ASP A 183 24.46 -6.22 -2.18
N VAL A 184 24.92 -5.00 -2.40
CA VAL A 184 24.42 -4.19 -3.52
C VAL A 184 24.98 -4.78 -4.81
N GLN A 185 26.26 -5.10 -4.81
CA GLN A 185 26.91 -5.67 -6.00
C GLN A 185 26.14 -6.89 -6.50
N ALA A 186 25.82 -7.79 -5.57
CA ALA A 186 25.13 -9.06 -5.91
C ALA A 186 23.74 -8.77 -6.52
N ARG A 187 23.00 -7.85 -5.89
CA ARG A 187 21.67 -7.54 -6.41
C ARG A 187 21.67 -6.83 -7.73
N VAL A 188 22.58 -5.86 -7.89
CA VAL A 188 22.64 -5.12 -9.16
C VAL A 188 23.07 -6.08 -10.29
N GLN A 189 24.05 -6.93 -10.00
N GLN A 189 24.05 -6.93 -10.03
CA GLN A 189 24.54 -7.93 -10.96
CA GLN A 189 24.51 -7.89 -11.04
C GLN A 189 23.40 -8.82 -11.44
C GLN A 189 23.38 -8.83 -11.46
N ALA A 190 22.58 -9.28 -10.50
CA ALA A 190 21.46 -10.18 -10.84
C ALA A 190 20.41 -9.46 -11.68
N LEU A 191 20.08 -8.22 -11.32
CA LEU A 191 19.11 -7.47 -12.15
C LEU A 191 19.70 -7.19 -13.52
N VAL A 192 20.98 -6.84 -13.58
CA VAL A 192 21.58 -6.57 -14.88
C VAL A 192 21.52 -7.80 -15.80
N ARG A 193 21.86 -8.97 -15.25
N ARG A 193 21.86 -8.98 -15.25
CA ARG A 193 21.75 -10.25 -15.99
CA ARG A 193 21.75 -10.25 -16.01
C ARG A 193 20.33 -10.50 -16.52
C ARG A 193 20.33 -10.49 -16.52
N GLU A 194 19.33 -10.24 -15.68
CA GLU A 194 17.95 -10.52 -16.03
C GLU A 194 17.31 -9.54 -17.01
N ILE A 195 17.49 -8.24 -16.76
CA ILE A 195 16.76 -7.21 -17.53
C ILE A 195 17.61 -6.26 -18.34
N GLY A 196 18.93 -6.36 -18.19
CA GLY A 196 19.84 -5.33 -18.70
C GLY A 196 19.80 -5.09 -20.19
N HIS A 197 19.44 -6.11 -20.96
CA HIS A 197 19.41 -6.00 -22.40
C HIS A 197 18.24 -5.18 -22.85
N GLU A 198 17.27 -4.94 -21.94
CA GLU A 198 16.09 -4.18 -22.36
C GLU A 198 15.59 -3.10 -21.39
N ALA A 199 16.24 -2.96 -20.25
CA ALA A 199 15.87 -1.94 -19.28
C ALA A 199 17.09 -1.56 -18.45
N GLN A 200 17.07 -0.37 -17.83
CA GLN A 200 18.16 0.06 -16.97
C GLN A 200 17.95 -0.49 -15.58
N VAL A 201 19.03 -0.48 -14.81
CA VAL A 201 19.00 -0.84 -13.38
C VAL A 201 19.40 0.41 -12.58
N GLY A 202 18.73 0.63 -11.45
CA GLY A 202 18.99 1.78 -10.60
C GLY A 202 19.37 1.37 -9.18
N PHE A 203 19.86 2.33 -8.41
CA PHE A 203 20.07 2.11 -6.98
C PHE A 203 19.66 3.34 -6.16
N HIS A 204 18.96 3.12 -5.04
CA HIS A 204 18.50 4.21 -4.14
C HIS A 204 18.94 3.82 -2.77
N GLY A 205 19.88 4.59 -2.23
CA GLY A 205 20.53 4.25 -0.95
C GLY A 205 20.10 5.18 0.19
N HIS A 206 20.06 4.64 1.42
CA HIS A 206 19.84 5.46 2.63
C HIS A 206 21.09 5.38 3.47
N GLN A 207 21.20 6.30 4.42
CA GLN A 207 22.46 6.57 5.11
C GLN A 207 22.56 5.99 6.51
N ASN A 208 21.63 5.07 6.84
N ASN A 208 21.66 5.08 6.89
CA ASN A 208 21.54 4.52 8.18
CA ASN A 208 21.67 4.57 8.27
C ASN A 208 22.80 3.81 8.70
C ASN A 208 22.96 3.96 8.71
N LEU A 209 23.67 3.32 7.78
CA LEU A 209 24.99 2.75 8.14
C LEU A 209 26.11 3.55 7.45
N SER A 210 25.76 4.75 6.93
CA SER A 210 26.73 5.63 6.25
C SER A 210 27.35 4.92 5.03
N LEU A 211 26.53 4.16 4.29
CA LEU A 211 27.02 3.40 3.11
C LEU A 211 26.31 3.77 1.83
N GLY A 212 25.41 4.75 1.86
CA GLY A 212 24.64 5.13 0.66
C GLY A 212 25.50 5.47 -0.54
N VAL A 213 26.49 6.34 -0.33
CA VAL A 213 27.33 6.79 -1.45
CA VAL A 213 27.40 6.82 -1.39
C VAL A 213 28.20 5.65 -1.97
N ALA A 214 28.85 4.90 -1.09
CA ALA A 214 29.65 3.79 -1.55
C ALA A 214 28.82 2.77 -2.28
N ASN A 215 27.63 2.50 -1.74
CA ASN A 215 26.75 1.52 -2.36
C ASN A 215 26.34 2.00 -3.75
N SER A 216 26.20 3.31 -3.89
CA SER A 216 25.83 3.90 -5.18
C SER A 216 26.96 3.75 -6.20
N VAL A 217 28.21 3.98 -5.78
CA VAL A 217 29.38 3.78 -6.65
CA VAL A 217 29.34 3.80 -6.70
C VAL A 217 29.43 2.32 -7.08
N LEU A 218 29.32 1.42 -6.10
CA LEU A 218 29.35 -0.01 -6.43
C LEU A 218 28.21 -0.40 -7.38
N ALA A 219 27.01 0.17 -7.17
CA ALA A 219 25.90 -0.07 -8.11
C ALA A 219 26.29 0.29 -9.54
N TYR A 220 26.87 1.49 -9.70
CA TYR A 220 27.22 1.99 -11.02
C TYR A 220 28.29 1.04 -11.63
N GLN A 221 29.29 0.66 -10.82
CA GLN A 221 30.39 -0.18 -11.30
C GLN A 221 29.92 -1.57 -11.67
N ASN A 222 28.72 -1.95 -11.23
CA ASN A 222 28.17 -3.27 -11.58
C ASN A 222 27.02 -3.19 -12.56
N GLY A 223 26.86 -2.01 -13.14
CA GLY A 223 25.98 -1.87 -14.31
C GLY A 223 24.75 -0.98 -14.12
N ALA A 224 24.55 -0.42 -12.92
CA ALA A 224 23.44 0.50 -12.70
C ALA A 224 23.70 1.81 -13.45
N ARG A 225 22.68 2.34 -14.13
CA ARG A 225 22.85 3.62 -14.81
C ARG A 225 21.99 4.76 -14.26
N GLN A 226 21.24 4.47 -13.20
CA GLN A 226 20.40 5.46 -12.52
C GLN A 226 20.69 5.38 -11.04
N ILE A 227 20.85 6.54 -10.39
CA ILE A 227 21.23 6.56 -8.96
C ILE A 227 20.44 7.70 -8.32
N ASP A 228 19.89 7.47 -7.11
CA ASP A 228 19.17 8.52 -6.39
C ASP A 228 20.03 9.20 -5.34
N GLY A 229 19.79 10.49 -5.16
CA GLY A 229 20.30 11.23 -4.03
C GLY A 229 19.29 12.24 -3.57
N ALA A 230 19.64 12.94 -2.51
CA ALA A 230 18.93 14.14 -2.08
C ALA A 230 19.93 15.18 -1.61
N LEU A 231 19.64 16.46 -1.84
CA LEU A 231 20.50 17.54 -1.30
C LEU A 231 20.50 17.48 0.24
N CYS A 232 21.70 17.63 0.81
CA CYS A 232 21.92 17.57 2.28
C CYS A 232 21.43 16.25 2.86
N ALA A 233 21.37 15.21 2.03
CA ALA A 233 20.86 13.90 2.49
C ALA A 233 19.39 13.98 2.89
N LEU A 234 18.67 15.04 2.51
CA LEU A 234 17.30 15.22 3.06
C LEU A 234 16.40 14.04 2.65
N GLY A 235 15.88 13.33 3.63
CA GLY A 235 15.14 12.13 3.30
C GLY A 235 14.87 11.35 4.57
N ALA A 236 14.16 10.22 4.40
CA ALA A 236 13.84 9.37 5.54
C ALA A 236 15.02 8.79 6.28
N GLY A 237 14.77 8.50 7.54
CA GLY A 237 15.76 7.89 8.42
C GLY A 237 16.98 8.78 8.63
N ALA A 238 18.18 8.23 8.43
CA ALA A 238 19.42 9.03 8.48
C ALA A 238 19.62 9.86 7.21
N GLY A 239 18.73 9.71 6.24
CA GLY A 239 18.74 10.48 5.00
C GLY A 239 19.14 9.65 3.81
N ASN A 240 19.11 10.27 2.63
CA ASN A 240 19.56 9.62 1.41
C ASN A 240 21.01 9.94 1.10
N SER A 241 21.62 9.12 0.26
CA SER A 241 22.89 9.55 -0.37
C SER A 241 22.85 11.01 -0.82
N PRO A 242 23.79 11.85 -0.38
CA PRO A 242 23.64 13.27 -0.68
C PRO A 242 23.96 13.55 -2.15
N THR A 243 23.07 14.23 -2.88
CA THR A 243 23.26 14.57 -4.28
C THR A 243 24.58 15.27 -4.50
N GLU A 244 24.92 16.18 -3.58
CA GLU A 244 26.14 16.96 -3.79
C GLU A 244 27.41 16.06 -3.63
N ILE A 245 27.38 15.07 -2.72
CA ILE A 245 28.47 14.15 -2.62
C ILE A 245 28.51 13.15 -3.78
N LEU A 246 27.34 12.68 -4.22
CA LEU A 246 27.35 11.83 -5.43
C LEU A 246 27.99 12.59 -6.62
N ALA A 247 27.63 13.87 -6.81
CA ALA A 247 28.20 14.66 -7.89
C ALA A 247 29.73 14.78 -7.74
N ALA A 248 30.20 15.04 -6.52
CA ALA A 248 31.65 15.19 -6.28
C ALA A 248 32.39 13.86 -6.49
N THR A 249 31.83 12.78 -5.95
CA THR A 249 32.49 11.48 -6.01
C THR A 249 32.56 10.92 -7.42
N PHE A 250 31.46 11.02 -8.17
CA PHE A 250 31.46 10.53 -9.54
C PHE A 250 32.41 11.38 -10.38
N GLU A 251 32.48 12.68 -10.08
CA GLU A 251 33.44 13.52 -10.79
C GLU A 251 34.88 13.08 -10.52
N ARG A 252 35.19 12.74 -9.26
CA ARG A 252 36.53 12.28 -8.93
C ARG A 252 36.84 10.98 -9.67
N LEU A 253 35.83 10.13 -9.81
CA LEU A 253 35.94 8.86 -10.54
C LEU A 253 35.86 8.97 -12.07
N ASN A 254 35.76 10.20 -12.57
CA ASN A 254 35.65 10.41 -14.02
CA ASN A 254 35.52 10.52 -13.99
C ASN A 254 34.41 9.71 -14.63
N ILE A 255 33.30 9.71 -13.90
N ILE A 255 33.31 9.68 -13.90
CA ILE A 255 32.05 9.19 -14.40
CA ILE A 255 32.04 9.17 -14.38
C ILE A 255 31.12 10.35 -14.62
C ILE A 255 31.13 10.36 -14.62
N GLU A 256 30.75 10.60 -15.87
CA GLU A 256 29.90 11.75 -16.21
C GLU A 256 28.53 11.64 -15.60
N THR A 257 28.10 12.71 -14.94
CA THR A 257 26.74 12.82 -14.39
C THR A 257 25.97 13.99 -15.05
N GLY A 258 26.70 14.93 -15.65
CA GLY A 258 26.10 16.18 -16.15
C GLY A 258 25.82 17.19 -15.04
N VAL A 259 26.20 16.88 -13.81
CA VAL A 259 25.88 17.78 -12.69
C VAL A 259 27.14 18.58 -12.30
N ASN A 260 26.99 19.89 -12.23
CA ASN A 260 28.08 20.80 -11.87
C ASN A 260 28.27 20.69 -10.35
N VAL A 261 29.44 20.28 -9.94
CA VAL A 261 29.72 20.05 -8.52
C VAL A 261 29.57 21.31 -7.67
N GLN A 262 30.23 22.38 -8.09
CA GLN A 262 30.10 23.63 -7.37
CA GLN A 262 30.11 23.66 -7.42
C GLN A 262 28.64 24.07 -7.26
N ALA A 263 27.87 23.95 -8.34
CA ALA A 263 26.47 24.34 -8.30
C ALA A 263 25.64 23.45 -7.38
N ALA A 264 25.95 22.16 -7.38
CA ALA A 264 25.27 21.24 -6.45
C ALA A 264 25.61 21.53 -4.95
N LEU A 265 26.86 21.89 -4.67
CA LEU A 265 27.30 22.23 -3.31
C LEU A 265 26.58 23.51 -2.87
N ALA A 266 26.42 24.46 -3.81
CA ALA A 266 25.71 25.71 -3.49
C ALA A 266 24.21 25.46 -3.27
N ALA A 267 23.62 24.53 -4.04
CA ALA A 267 22.19 24.21 -3.87
C ALA A 267 21.96 23.65 -2.47
N ALA A 268 22.84 22.74 -2.08
CA ALA A 268 22.72 22.11 -0.77
C ALA A 268 22.92 23.18 0.33
N GLU A 269 23.97 23.97 0.19
CA GLU A 269 24.41 24.86 1.28
C GLU A 269 23.53 26.09 1.43
N GLU A 270 23.13 26.67 0.30
CA GLU A 270 22.49 28.00 0.27
C GLU A 270 20.97 27.96 0.12
N VAL A 271 20.44 26.85 -0.40
CA VAL A 271 18.99 26.75 -0.66
C VAL A 271 18.35 25.75 0.30
N VAL A 272 18.87 24.54 0.35
CA VAL A 272 18.26 23.49 1.19
C VAL A 272 18.62 23.57 2.68
N ARG A 273 19.89 23.75 3.00
CA ARG A 273 20.32 23.70 4.40
C ARG A 273 19.52 24.72 5.27
N PRO A 274 19.24 25.94 4.73
CA PRO A 274 18.52 26.93 5.57
C PRO A 274 17.12 26.48 6.01
N TYR A 275 16.48 25.54 5.30
CA TYR A 275 15.11 25.14 5.67
C TYR A 275 15.03 23.77 6.34
N LEU A 276 16.19 23.14 6.52
CA LEU A 276 16.26 21.86 7.27
C LEU A 276 15.72 22.02 8.71
N PRO A 277 14.76 21.15 9.12
CA PRO A 277 14.25 21.14 10.51
C PRO A 277 15.36 20.74 11.44
N ARG A 278 16.22 19.84 10.96
CA ARG A 278 17.40 19.39 11.70
C ARG A 278 18.27 18.69 10.66
N LEU A 279 19.53 18.44 10.97
CA LEU A 279 20.43 17.79 10.00
C LEU A 279 20.10 16.32 9.96
N PRO A 280 19.95 15.73 8.75
CA PRO A 280 19.86 14.25 8.66
C PRO A 280 21.08 13.65 9.33
N TRP A 281 20.87 12.65 10.20
N TRP A 281 20.91 12.65 10.19
CA TRP A 281 21.88 12.18 11.17
CA TRP A 281 22.01 12.18 11.03
C TRP A 281 21.70 10.71 11.42
C TRP A 281 21.75 10.79 11.50
N ALA A 282 22.80 9.98 11.46
CA ALA A 282 22.76 8.59 11.93
C ALA A 282 22.88 8.53 13.46
N ASP A 283 21.81 8.89 14.16
N ASP A 283 21.77 8.87 14.12
CA ASP A 283 21.80 8.69 15.59
CA ASP A 283 21.62 8.70 15.57
C ASP A 283 21.39 7.26 15.92
C ASP A 283 21.35 7.25 15.90
N ARG A 284 21.29 6.95 17.20
CA ARG A 284 20.97 5.60 17.60
C ARG A 284 19.70 5.06 16.93
N ALA A 285 18.61 5.85 16.90
CA ALA A 285 17.36 5.39 16.28
C ALA A 285 17.53 5.03 14.78
N ALA A 286 18.22 5.87 14.02
CA ALA A 286 18.44 5.62 12.58
C ALA A 286 19.37 4.42 12.39
N ILE A 287 20.35 4.25 13.28
CA ILE A 287 21.26 3.13 13.09
C ILE A 287 20.55 1.81 13.40
N VAL A 288 19.70 1.82 14.42
CA VAL A 288 18.84 0.67 14.68
C VAL A 288 18.01 0.29 13.43
N GLN A 289 17.53 1.27 12.68
CA GLN A 289 16.83 0.99 11.41
CA GLN A 289 16.82 0.94 11.43
C GLN A 289 17.70 0.25 10.40
N GLY A 290 18.92 0.76 10.18
CA GLY A 290 19.89 0.11 9.28
C GLY A 290 20.29 -1.28 9.70
N TYR A 291 20.49 -1.46 10.99
CA TYR A 291 20.94 -2.73 11.48
C TYR A 291 19.84 -3.77 11.39
N ALA A 292 18.63 -3.40 11.86
CA ALA A 292 17.46 -4.30 11.97
C ALA A 292 16.61 -4.37 10.70
N GLY A 293 16.91 -3.51 9.73
CA GLY A 293 16.17 -3.51 8.46
C GLY A 293 14.76 -2.95 8.44
N VAL A 294 14.59 -1.82 9.11
CA VAL A 294 13.32 -1.18 9.30
C VAL A 294 13.17 -0.02 8.28
N TYR A 295 12.01 0.07 7.64
CA TYR A 295 11.71 1.03 6.60
C TYR A 295 12.03 2.43 7.15
N SER A 296 12.82 3.18 6.38
N SER A 296 12.83 3.22 6.44
CA SER A 296 13.38 4.43 6.90
CA SER A 296 13.34 4.45 7.06
C SER A 296 12.34 5.48 7.34
C SER A 296 12.27 5.47 7.45
N SER A 297 11.23 5.60 6.61
CA SER A 297 10.17 6.54 6.94
C SER A 297 9.47 6.34 8.25
N PHE A 298 9.71 5.20 8.91
CA PHE A 298 9.17 4.99 10.25
C PHE A 298 9.81 5.92 11.33
N LEU A 299 10.98 6.51 11.04
CA LEU A 299 11.69 7.24 12.06
C LEU A 299 10.93 8.35 12.78
N LEU A 300 10.45 9.35 12.06
N LEU A 300 10.43 9.33 12.06
CA LEU A 300 9.76 10.47 12.73
CA LEU A 300 9.76 10.47 12.72
C LEU A 300 8.46 10.03 13.39
C LEU A 300 8.44 10.06 13.35
N HIS A 301 7.79 9.04 12.79
CA HIS A 301 6.59 8.48 13.41
C HIS A 301 6.91 7.78 14.72
N ALA A 302 8.02 7.06 14.74
CA ALA A 302 8.52 6.45 15.98
C ALA A 302 8.89 7.52 17.03
N GLU A 303 9.54 8.61 16.61
N GLU A 303 9.54 8.61 16.58
CA GLU A 303 9.85 9.69 17.55
CA GLU A 303 9.84 9.73 17.46
C GLU A 303 8.59 10.35 18.08
C GLU A 303 8.57 10.35 18.02
N ARG A 304 7.59 10.53 17.21
N ARG A 304 7.56 10.55 17.18
CA ARG A 304 6.32 11.07 17.69
CA ARG A 304 6.31 11.08 17.70
C ARG A 304 5.65 10.15 18.72
C ARG A 304 5.68 10.15 18.74
N ALA A 305 5.62 8.84 18.43
CA ALA A 305 5.03 7.88 19.35
C ALA A 305 5.82 7.80 20.65
N ALA A 306 7.14 8.03 20.54
CA ALA A 306 7.99 7.95 21.72
C ALA A 306 7.56 9.06 22.71
N GLU A 307 7.36 10.26 22.20
CA GLU A 307 6.88 11.37 23.01
C GLU A 307 5.44 11.16 23.46
N ARG A 308 4.59 10.68 22.55
CA ARG A 308 3.18 10.45 22.89
C ARG A 308 2.98 9.45 24.03
N TYR A 309 3.81 8.41 24.08
CA TYR A 309 3.59 7.30 25.00
C TYR A 309 4.66 7.22 26.05
N GLY A 310 5.70 8.04 25.93
CA GLY A 310 6.74 8.02 26.97
C GLY A 310 7.61 6.78 26.95
N VAL A 311 8.03 6.38 25.75
CA VAL A 311 8.90 5.21 25.58
C VAL A 311 10.00 5.58 24.61
N PRO A 312 11.11 4.82 24.59
CA PRO A 312 12.19 5.29 23.70
C PRO A 312 11.95 4.95 22.22
N ALA A 313 12.23 5.88 21.31
CA ALA A 313 12.00 5.64 19.90
C ALA A 313 12.81 4.44 19.38
N HIS A 314 14.03 4.27 19.89
CA HIS A 314 14.87 3.21 19.37
C HIS A 314 14.34 1.86 19.79
N GLU A 315 13.68 1.79 20.95
CA GLU A 315 13.02 0.55 21.40
C GLU A 315 11.79 0.20 20.55
N ILE A 316 11.04 1.22 20.15
CA ILE A 316 9.94 1.03 19.19
C ILE A 316 10.50 0.44 17.90
N LEU A 317 11.55 1.06 17.40
CA LEU A 317 12.11 0.63 16.12
C LEU A 317 12.71 -0.79 16.20
N GLN A 318 13.39 -1.13 17.30
CA GLN A 318 13.88 -2.47 17.50
C GLN A 318 12.73 -3.51 17.42
N ARG A 319 11.61 -3.21 18.08
N ARG A 319 11.60 -3.20 18.07
CA ARG A 319 10.44 -4.10 18.01
CA ARG A 319 10.44 -4.08 18.04
C ARG A 319 9.89 -4.19 16.59
C ARG A 319 9.79 -4.16 16.65
N VAL A 320 9.80 -3.05 15.92
CA VAL A 320 9.36 -3.04 14.52
C VAL A 320 10.27 -3.96 13.68
N GLY A 321 11.59 -3.88 13.92
CA GLY A 321 12.57 -4.78 13.30
C GLY A 321 12.23 -6.23 13.50
N GLU A 322 11.96 -6.61 14.75
CA GLU A 322 11.63 -8.00 15.07
C GLU A 322 10.34 -8.48 14.40
N ALA A 323 9.39 -7.57 14.16
CA ALA A 323 8.10 -7.96 13.62
C ALA A 323 8.07 -8.15 12.10
N GLY A 324 9.05 -7.56 11.40
N GLY A 324 8.99 -7.49 11.38
CA GLY A 324 9.06 -7.56 9.95
CA GLY A 324 9.07 -7.58 9.91
C GLY A 324 7.84 -6.87 9.39
C GLY A 324 8.15 -6.74 9.05
N TYR A 325 7.80 -5.55 9.52
CA TYR A 325 6.81 -4.77 8.79
C TYR A 325 7.42 -4.23 7.55
N VAL A 326 6.56 -3.88 6.61
CA VAL A 326 6.98 -3.35 5.32
C VAL A 326 6.63 -1.89 5.23
N GLY A 327 7.06 -1.25 4.14
CA GLY A 327 6.69 0.14 3.85
C GLY A 327 5.20 0.36 3.97
N GLY A 328 4.82 1.50 4.56
CA GLY A 328 3.42 1.81 4.68
C GLY A 328 2.73 1.38 5.96
N GLN A 329 3.42 0.64 6.82
CA GLN A 329 2.82 0.07 8.04
C GLN A 329 2.95 0.93 9.31
N GLU A 330 3.16 2.23 9.10
CA GLU A 330 3.30 3.21 10.18
C GLU A 330 2.34 3.00 11.37
N ASP A 331 1.12 2.55 11.07
CA ASP A 331 0.13 2.33 12.12
C ASP A 331 0.64 1.35 13.19
N MET A 332 1.46 0.38 12.79
CA MET A 332 1.96 -0.60 13.76
C MET A 332 2.84 0.03 14.80
N ILE A 333 3.44 1.16 14.48
CA ILE A 333 4.25 1.90 15.46
C ILE A 333 3.46 2.25 16.73
N ILE A 334 2.20 2.65 16.56
CA ILE A 334 1.37 3.07 17.68
C ILE A 334 1.01 1.88 18.56
N ASP A 335 0.60 0.78 17.92
CA ASP A 335 0.32 -0.44 18.68
C ASP A 335 1.55 -0.85 19.52
N ILE A 336 2.73 -0.87 18.89
CA ILE A 336 3.94 -1.25 19.61
C ILE A 336 4.25 -0.29 20.77
N ALA A 337 4.09 1.01 20.54
CA ALA A 337 4.37 2.01 21.59
C ALA A 337 3.45 1.86 22.81
N VAL A 338 2.16 1.60 22.57
CA VAL A 338 1.21 1.29 23.64
C VAL A 338 1.65 0.06 24.45
N GLN A 339 2.07 -1.00 23.74
CA GLN A 339 2.57 -2.22 24.41
C GLN A 339 3.80 -1.91 25.23
N LEU A 340 4.74 -1.17 24.65
CA LEU A 340 6.00 -0.87 25.36
C LEU A 340 5.75 -0.04 26.61
N ALA A 341 4.80 0.85 26.54
CA ALA A 341 4.48 1.67 27.72
C ALA A 341 3.98 0.80 28.87
N GLU A 342 3.20 -0.22 28.53
CA GLU A 342 2.72 -1.13 29.57
C GLU A 342 3.84 -2.05 30.09
N GLU A 343 4.65 -2.60 29.17
CA GLU A 343 5.75 -3.51 29.58
C GLU A 343 6.75 -2.80 30.47
N ARG A 344 7.09 -1.57 30.10
CA ARG A 344 8.08 -0.79 30.86
C ARG A 344 7.55 -0.35 32.20
N HIS A 345 6.24 -0.24 32.32
CA HIS A 345 5.64 0.07 33.60
C HIS A 345 5.69 -1.12 34.53
N GLY A 346 5.42 -2.30 33.98
CA GLY A 346 5.59 -3.56 34.69
C GLY A 346 4.33 -4.02 35.41
N GLY B 22 -35.64 -27.17 -0.52
CA GLY B 22 -35.76 -25.94 0.29
C GLY B 22 -34.67 -24.92 0.03
N LYS B 23 -33.41 -25.38 0.05
CA LYS B 23 -32.26 -24.48 -0.05
C LYS B 23 -32.12 -23.83 -1.42
N ALA B 24 -31.67 -22.57 -1.43
CA ALA B 24 -31.37 -21.88 -2.68
C ALA B 24 -30.13 -22.50 -3.33
N VAL B 25 -30.18 -22.62 -4.65
CA VAL B 25 -29.08 -23.21 -5.42
C VAL B 25 -28.08 -22.11 -5.74
N ALA B 26 -26.83 -22.30 -5.30
CA ALA B 26 -25.79 -21.29 -5.50
C ALA B 26 -24.67 -21.75 -6.43
N ALA B 27 -24.11 -20.79 -7.16
CA ALA B 27 -22.82 -20.99 -7.84
C ALA B 27 -21.79 -20.07 -7.24
N ILE B 28 -20.56 -20.56 -7.13
CA ILE B 28 -19.40 -19.72 -6.83
C ILE B 28 -18.55 -19.61 -8.09
N VAL B 29 -18.32 -18.38 -8.54
CA VAL B 29 -17.50 -18.14 -9.72
C VAL B 29 -16.18 -17.57 -9.19
N GLY B 30 -15.10 -18.33 -9.37
CA GLY B 30 -13.77 -17.91 -8.90
C GLY B 30 -13.26 -18.77 -7.78
N PRO B 31 -12.67 -19.93 -8.11
CA PRO B 31 -12.29 -20.92 -7.09
C PRO B 31 -10.90 -20.65 -6.53
N GLY B 32 -10.69 -19.41 -6.09
CA GLY B 32 -9.41 -18.98 -5.53
C GLY B 32 -9.43 -18.93 -4.00
N ASN B 33 -8.69 -17.98 -3.43
CA ASN B 33 -8.61 -17.89 -1.98
C ASN B 33 -9.96 -17.58 -1.34
N ILE B 34 -10.60 -16.53 -1.83
CA ILE B 34 -11.90 -16.12 -1.29
C ILE B 34 -12.97 -17.16 -1.67
N GLY B 35 -12.96 -17.58 -2.94
CA GLY B 35 -13.99 -18.51 -3.44
C GLY B 35 -14.00 -19.84 -2.71
N THR B 36 -12.80 -20.35 -2.41
CA THR B 36 -12.67 -21.62 -1.70
C THR B 36 -13.02 -21.50 -0.22
N ASP B 37 -12.60 -20.41 0.43
CA ASP B 37 -13.05 -20.17 1.79
C ASP B 37 -14.59 -20.06 1.86
N LEU B 38 -15.17 -19.39 0.86
CA LEU B 38 -16.62 -19.23 0.82
C LEU B 38 -17.34 -20.56 0.64
N LEU B 39 -16.78 -21.42 -0.21
CA LEU B 39 -17.36 -22.75 -0.43
C LEU B 39 -17.51 -23.48 0.89
N ILE B 40 -16.43 -23.48 1.69
N ILE B 40 -16.45 -23.44 1.69
CA ILE B 40 -16.46 -24.18 2.96
CA ILE B 40 -16.41 -24.18 2.96
C ILE B 40 -17.53 -23.59 3.87
C ILE B 40 -17.39 -23.60 4.00
N LYS B 41 -17.51 -22.27 4.02
CA LYS B 41 -18.48 -21.61 4.91
C LYS B 41 -19.92 -21.83 4.47
N LEU B 42 -20.18 -21.74 3.16
CA LEU B 42 -21.53 -22.01 2.65
C LEU B 42 -22.04 -23.44 2.84
N GLN B 43 -21.13 -24.40 3.04
N GLN B 43 -21.10 -24.39 2.99
CA GLN B 43 -21.62 -25.76 3.29
CA GLN B 43 -21.45 -25.79 3.34
C GLN B 43 -22.10 -25.99 4.72
C GLN B 43 -22.27 -25.84 4.62
N ARG B 44 -21.91 -24.98 5.57
CA ARG B 44 -22.48 -24.95 6.91
C ARG B 44 -23.82 -24.23 6.91
N SER B 45 -24.13 -23.60 5.78
CA SER B 45 -25.30 -22.73 5.66
C SER B 45 -26.61 -23.48 5.78
N GLU B 46 -27.58 -22.81 6.39
CA GLU B 46 -28.91 -23.37 6.58
C GLU B 46 -29.74 -23.37 5.30
N HIS B 47 -29.52 -22.35 4.46
CA HIS B 47 -30.45 -22.05 3.37
C HIS B 47 -29.86 -22.10 1.98
N ILE B 48 -28.55 -22.34 1.88
CA ILE B 48 -27.88 -22.33 0.58
C ILE B 48 -27.22 -23.66 0.31
N GLU B 49 -27.48 -24.23 -0.87
CA GLU B 49 -26.71 -25.37 -1.37
C GLU B 49 -25.76 -24.88 -2.46
N VAL B 50 -24.45 -25.02 -2.26
CA VAL B 50 -23.52 -24.74 -3.35
C VAL B 50 -23.55 -25.92 -4.32
N ARG B 51 -24.08 -25.65 -5.51
CA ARG B 51 -24.21 -26.65 -6.57
C ARG B 51 -23.05 -26.59 -7.55
N TYR B 52 -22.53 -25.38 -7.81
CA TYR B 52 -21.51 -25.20 -8.84
C TYR B 52 -20.32 -24.43 -8.35
N MET B 53 -19.14 -24.91 -8.72
CA MET B 53 -17.86 -24.24 -8.53
C MET B 53 -17.46 -23.95 -9.98
N VAL B 54 -17.06 -22.71 -10.29
CA VAL B 54 -16.79 -22.37 -11.67
C VAL B 54 -15.53 -21.53 -11.81
N GLY B 55 -14.55 -22.07 -12.52
CA GLY B 55 -13.28 -21.36 -12.74
C GLY B 55 -12.89 -21.38 -14.21
N VAL B 56 -11.59 -21.14 -14.44
CA VAL B 56 -11.02 -21.05 -15.78
C VAL B 56 -9.71 -21.85 -15.93
N ASP B 57 -9.17 -22.31 -14.81
CA ASP B 57 -7.92 -23.05 -14.79
C ASP B 57 -8.18 -24.46 -14.24
N PRO B 58 -7.95 -25.51 -15.07
CA PRO B 58 -8.28 -26.84 -14.53
C PRO B 58 -7.45 -27.21 -13.30
N ALA B 59 -6.31 -26.57 -13.08
CA ALA B 59 -5.46 -26.89 -11.90
C ALA B 59 -5.88 -26.16 -10.61
N SER B 60 -6.92 -25.32 -10.68
CA SER B 60 -7.33 -24.53 -9.50
C SER B 60 -7.64 -25.42 -8.31
N GLU B 61 -7.01 -25.16 -7.17
CA GLU B 61 -7.23 -25.95 -5.98
C GLU B 61 -8.70 -25.94 -5.53
N GLY B 62 -9.36 -24.78 -5.66
CA GLY B 62 -10.79 -24.68 -5.33
C GLY B 62 -11.69 -25.65 -6.10
N LEU B 63 -11.35 -25.92 -7.36
CA LEU B 63 -12.12 -26.92 -8.13
C LEU B 63 -11.92 -28.32 -7.57
N ALA B 64 -10.69 -28.64 -7.17
CA ALA B 64 -10.42 -29.91 -6.51
C ALA B 64 -11.14 -30.05 -5.17
N ARG B 65 -11.17 -28.97 -4.38
CA ARG B 65 -11.90 -28.98 -3.11
C ARG B 65 -13.41 -29.15 -3.35
N ALA B 66 -13.96 -28.48 -4.37
CA ALA B 66 -15.36 -28.64 -4.74
C ALA B 66 -15.69 -30.10 -5.06
N ARG B 67 -14.86 -30.71 -5.89
CA ARG B 67 -15.10 -32.11 -6.27
C ARG B 67 -15.08 -33.05 -5.06
N LYS B 68 -14.13 -32.84 -4.15
CA LYS B 68 -14.03 -33.67 -2.95
C LYS B 68 -15.30 -33.53 -2.10
N LEU B 69 -15.90 -32.34 -2.11
CA LEU B 69 -17.13 -32.05 -1.34
C LEU B 69 -18.44 -32.29 -2.08
N GLY B 70 -18.36 -32.88 -3.27
CA GLY B 70 -19.54 -33.30 -4.02
C GLY B 70 -20.20 -32.21 -4.84
N VAL B 71 -19.51 -31.08 -4.98
CA VAL B 71 -20.02 -29.93 -5.73
C VAL B 71 -19.60 -30.05 -7.18
N GLU B 72 -20.52 -29.82 -8.12
CA GLU B 72 -20.15 -29.82 -9.54
C GLU B 72 -19.12 -28.74 -9.80
N ALA B 73 -18.02 -29.12 -10.43
CA ALA B 73 -16.90 -28.21 -10.67
C ALA B 73 -16.55 -28.16 -12.16
N SER B 74 -16.23 -26.97 -12.66
CA SER B 74 -15.87 -26.80 -14.06
C SER B 74 -14.83 -25.69 -14.21
N ALA B 75 -13.87 -25.93 -15.09
CA ALA B 75 -12.92 -24.90 -15.50
C ALA B 75 -13.33 -24.25 -16.82
N GLU B 76 -14.58 -24.46 -17.23
N GLU B 76 -14.58 -24.46 -17.22
CA GLU B 76 -15.07 -23.92 -18.50
CA GLU B 76 -15.09 -23.93 -18.49
C GLU B 76 -15.82 -22.60 -18.37
C GLU B 76 -15.84 -22.59 -18.37
N GLY B 77 -15.66 -21.94 -17.22
CA GLY B 77 -16.10 -20.56 -17.04
C GLY B 77 -17.59 -20.31 -16.92
N VAL B 78 -17.91 -19.02 -16.92
CA VAL B 78 -19.30 -18.55 -16.87
C VAL B 78 -20.10 -19.04 -18.07
N ASP B 79 -19.45 -19.20 -19.24
CA ASP B 79 -20.15 -19.78 -20.40
C ASP B 79 -20.78 -21.12 -20.04
N TRP B 80 -20.01 -21.95 -19.35
CA TRP B 80 -20.45 -23.27 -18.97
C TRP B 80 -21.58 -23.15 -17.97
N LEU B 81 -21.40 -22.28 -16.98
CA LEU B 81 -22.42 -22.12 -15.93
C LEU B 81 -23.78 -21.76 -16.54
N LEU B 82 -23.77 -20.80 -17.46
CA LEU B 82 -24.99 -20.31 -18.08
C LEU B 82 -25.63 -21.29 -19.07
N GLU B 83 -24.90 -22.34 -19.44
CA GLU B 83 -25.44 -23.42 -20.29
C GLU B 83 -26.19 -24.48 -19.49
N GLN B 84 -26.03 -24.49 -18.17
CA GLN B 84 -26.55 -25.60 -17.36
C GLN B 84 -28.07 -25.63 -17.30
N ASP B 85 -28.63 -26.84 -17.34
CA ASP B 85 -30.08 -27.05 -17.29
C ASP B 85 -30.71 -26.39 -16.06
N GLU B 86 -30.07 -26.52 -14.90
CA GLU B 86 -30.59 -25.93 -13.69
C GLU B 86 -29.72 -24.76 -13.30
N LEU B 87 -30.19 -23.55 -13.62
CA LEU B 87 -29.45 -22.35 -13.27
C LEU B 87 -29.52 -22.09 -11.76
N PRO B 88 -28.43 -21.55 -11.18
CA PRO B 88 -28.48 -21.25 -9.76
C PRO B 88 -29.41 -20.07 -9.47
N ASP B 89 -29.93 -20.03 -8.25
CA ASP B 89 -30.70 -18.89 -7.75
C ASP B 89 -29.79 -17.70 -7.44
N LEU B 90 -28.59 -18.04 -6.94
N LEU B 90 -28.57 -18.00 -6.99
CA LEU B 90 -27.60 -17.06 -6.46
CA LEU B 90 -27.61 -16.93 -6.88
C LEU B 90 -26.24 -17.35 -7.13
C LEU B 90 -26.21 -17.34 -7.13
N VAL B 91 -25.44 -16.30 -7.42
CA VAL B 91 -24.05 -16.48 -7.84
C VAL B 91 -23.22 -15.58 -6.96
N PHE B 92 -22.18 -16.15 -6.38
CA PHE B 92 -21.17 -15.40 -5.64
C PHE B 92 -19.93 -15.33 -6.50
N GLU B 93 -19.42 -14.12 -6.76
CA GLU B 93 -18.25 -13.98 -7.64
C GLU B 93 -17.04 -13.48 -6.87
N ALA B 94 -15.95 -14.24 -6.97
CA ALA B 94 -14.70 -13.96 -6.31
C ALA B 94 -13.55 -14.13 -7.29
N THR B 95 -13.64 -13.45 -8.42
CA THR B 95 -12.63 -13.48 -9.46
C THR B 95 -11.66 -12.28 -9.45
N SER B 96 -12.07 -11.20 -10.06
CA SER B 96 -11.38 -9.94 -10.01
C SER B 96 -12.34 -8.88 -10.50
N ALA B 97 -12.09 -7.62 -10.21
CA ALA B 97 -13.03 -6.57 -10.61
C ALA B 97 -13.40 -6.59 -12.08
N LYS B 98 -12.40 -6.73 -12.96
N LYS B 98 -12.40 -6.74 -12.96
N LYS B 98 -12.41 -6.74 -12.96
CA LYS B 98 -12.65 -6.69 -14.41
CA LYS B 98 -12.61 -6.71 -14.41
CA LYS B 98 -12.70 -6.68 -14.40
C LYS B 98 -13.55 -7.86 -14.84
C LYS B 98 -13.49 -7.87 -14.89
C LYS B 98 -13.56 -7.86 -14.84
N ALA B 99 -13.31 -9.04 -14.27
CA ALA B 99 -14.12 -10.23 -14.58
C ALA B 99 -15.57 -10.03 -14.14
N HIS B 100 -15.77 -9.48 -12.94
CA HIS B 100 -17.16 -9.23 -12.55
C HIS B 100 -17.86 -8.20 -13.41
N LEU B 101 -17.14 -7.16 -13.83
CA LEU B 101 -17.73 -6.16 -14.73
CA LEU B 101 -17.72 -6.16 -14.73
C LEU B 101 -18.25 -6.80 -16.00
N ALA B 102 -17.52 -7.80 -16.53
CA ALA B 102 -17.95 -8.54 -17.71
C ALA B 102 -19.13 -9.49 -17.42
N ASN B 103 -19.08 -10.17 -16.28
CA ASN B 103 -20.10 -11.16 -15.94
C ASN B 103 -21.43 -10.63 -15.40
N ALA B 104 -21.42 -9.48 -14.74
CA ALA B 104 -22.61 -8.93 -14.07
C ALA B 104 -23.84 -8.82 -14.99
N PRO B 105 -23.67 -8.27 -16.22
CA PRO B 105 -24.87 -8.17 -17.06
C PRO B 105 -25.37 -9.51 -17.56
N ARG B 106 -24.48 -10.50 -17.63
CA ARG B 106 -24.87 -11.84 -18.04
C ARG B 106 -25.72 -12.50 -16.95
N TYR B 107 -25.33 -12.32 -15.69
CA TYR B 107 -26.17 -12.77 -14.58
C TYR B 107 -27.52 -12.05 -14.59
N ALA B 108 -27.50 -10.73 -14.74
CA ALA B 108 -28.75 -9.95 -14.78
C ALA B 108 -29.71 -10.43 -15.87
N GLU B 109 -29.18 -10.73 -17.06
CA GLU B 109 -30.03 -11.17 -18.16
C GLU B 109 -30.67 -12.53 -17.83
N ALA B 110 -29.87 -13.44 -17.25
CA ALA B 110 -30.30 -14.80 -16.92
C ALA B 110 -31.19 -14.85 -15.67
N GLY B 111 -31.30 -13.71 -14.99
CA GLY B 111 -32.18 -13.60 -13.83
C GLY B 111 -31.58 -14.17 -12.56
N ILE B 112 -30.25 -14.24 -12.52
CA ILE B 112 -29.55 -14.79 -11.37
C ILE B 112 -29.07 -13.65 -10.46
N THR B 113 -29.50 -13.67 -9.20
CA THR B 113 -29.05 -12.66 -8.22
C THR B 113 -27.55 -12.83 -7.93
N ALA B 114 -26.82 -11.72 -8.02
CA ALA B 114 -25.37 -11.76 -7.89
C ALA B 114 -24.88 -11.11 -6.60
N ILE B 115 -24.02 -11.83 -5.88
N ILE B 115 -24.00 -11.82 -5.89
CA ILE B 115 -23.30 -11.28 -4.72
CA ILE B 115 -23.29 -11.25 -4.74
C ILE B 115 -21.84 -11.14 -5.16
C ILE B 115 -21.83 -11.13 -5.16
N ASP B 116 -21.37 -9.89 -5.25
CA ASP B 116 -20.04 -9.59 -5.79
C ASP B 116 -19.03 -9.39 -4.66
N LEU B 117 -18.06 -10.29 -4.57
CA LEU B 117 -17.02 -10.19 -3.56
C LEU B 117 -15.78 -9.43 -4.07
N THR B 118 -15.81 -8.98 -5.32
CA THR B 118 -14.73 -8.19 -5.91
C THR B 118 -15.06 -6.75 -5.60
N PRO B 119 -14.12 -5.83 -5.82
CA PRO B 119 -14.42 -4.39 -5.62
C PRO B 119 -15.05 -3.75 -6.87
N ALA B 120 -15.56 -4.58 -7.79
CA ALA B 120 -16.20 -4.02 -9.01
C ALA B 120 -17.30 -2.98 -8.72
N ALA B 121 -18.12 -3.24 -7.71
CA ALA B 121 -19.15 -2.28 -7.27
C ALA B 121 -20.14 -1.89 -8.40
N VAL B 122 -20.60 -2.90 -9.13
CA VAL B 122 -21.71 -2.73 -10.07
C VAL B 122 -22.99 -2.45 -9.27
N GLY B 123 -23.14 -3.14 -8.14
CA GLY B 123 -24.30 -3.01 -7.28
C GLY B 123 -24.00 -2.10 -6.09
N PRO B 124 -25.03 -1.84 -5.26
CA PRO B 124 -24.84 -1.00 -4.10
C PRO B 124 -23.99 -1.69 -3.06
N LEU B 125 -23.39 -0.90 -2.18
CA LEU B 125 -22.39 -1.37 -1.22
C LEU B 125 -23.03 -1.88 0.08
N VAL B 126 -22.67 -3.10 0.47
CA VAL B 126 -23.27 -3.75 1.64
C VAL B 126 -22.21 -4.14 2.67
N CYS B 127 -22.36 -3.63 3.87
CA CYS B 127 -21.54 -4.03 5.02
C CYS B 127 -22.52 -4.55 6.08
N PRO B 128 -22.65 -5.87 6.20
CA PRO B 128 -23.73 -6.41 7.03
C PRO B 128 -23.87 -5.91 8.47
N PRO B 129 -22.75 -5.65 9.21
CA PRO B 129 -22.94 -5.05 10.55
C PRO B 129 -23.58 -3.65 10.54
N VAL B 130 -23.66 -3.02 9.36
CA VAL B 130 -24.17 -1.65 9.27
C VAL B 130 -25.48 -1.53 8.48
N ASN B 131 -25.51 -2.07 7.25
CA ASN B 131 -26.68 -1.93 6.37
C ASN B 131 -27.15 -3.22 5.69
N LEU B 132 -27.18 -4.32 6.44
CA LEU B 132 -27.51 -5.64 5.89
C LEU B 132 -28.81 -5.70 5.06
N THR B 133 -29.87 -5.07 5.57
CA THR B 133 -31.17 -5.21 4.91
C THR B 133 -31.47 -4.13 3.86
N GLU B 134 -30.60 -3.14 3.76
CA GLU B 134 -30.86 -1.98 2.90
C GLU B 134 -31.10 -2.32 1.43
N HIS B 135 -30.31 -3.26 0.92
CA HIS B 135 -30.26 -3.54 -0.53
C HIS B 135 -30.69 -4.93 -0.94
N LEU B 136 -31.50 -5.57 -0.10
CA LEU B 136 -31.89 -6.98 -0.36
C LEU B 136 -32.76 -7.19 -1.61
N ASP B 137 -33.32 -6.13 -2.17
CA ASP B 137 -34.11 -6.22 -3.40
C ASP B 137 -33.31 -6.03 -4.70
N ALA B 138 -32.02 -5.70 -4.57
CA ALA B 138 -31.17 -5.44 -5.72
C ALA B 138 -30.79 -6.75 -6.44
N PRO B 139 -30.63 -6.71 -7.77
CA PRO B 139 -30.21 -7.91 -8.49
C PRO B 139 -28.71 -8.22 -8.36
N ASN B 140 -27.95 -7.25 -7.88
CA ASN B 140 -26.50 -7.36 -7.71
C ASN B 140 -26.12 -6.54 -6.48
N VAL B 141 -25.49 -7.18 -5.49
CA VAL B 141 -24.98 -6.43 -4.34
C VAL B 141 -23.47 -6.58 -4.24
N ASN B 142 -22.80 -5.52 -3.84
CA ASN B 142 -21.35 -5.53 -3.74
C ASN B 142 -20.93 -5.58 -2.30
N MET B 143 -20.01 -6.45 -1.99
CA MET B 143 -19.55 -6.60 -0.65
C MET B 143 -18.30 -5.80 -0.32
N ILE B 144 -18.00 -4.82 -1.13
CA ILE B 144 -16.90 -3.93 -0.86
C ILE B 144 -15.54 -4.63 -0.97
N THR B 145 -14.83 -4.79 0.16
CA THR B 145 -13.52 -5.43 0.21
C THR B 145 -13.28 -6.03 1.58
N CYS B 146 -12.21 -6.77 1.77
CA CYS B 146 -11.83 -7.30 3.08
CA CYS B 146 -11.89 -7.29 3.10
C CYS B 146 -11.59 -6.16 4.06
N GLY B 147 -10.81 -5.17 3.59
CA GLY B 147 -10.53 -3.99 4.37
C GLY B 147 -11.80 -3.30 4.79
N GLY B 148 -12.72 -3.10 3.84
CA GLY B 148 -14.01 -2.50 4.15
C GLY B 148 -14.83 -3.27 5.17
N GLN B 149 -14.92 -4.58 5.00
CA GLN B 149 -15.77 -5.34 5.90
C GLN B 149 -15.17 -5.28 7.32
N ALA B 150 -13.86 -5.15 7.40
CA ALA B 150 -13.22 -5.14 8.73
C ALA B 150 -13.35 -3.77 9.39
N THR B 151 -13.43 -2.72 8.58
CA THR B 151 -13.27 -1.36 9.14
C THR B 151 -14.50 -0.50 9.07
N ILE B 152 -15.37 -0.69 8.08
CA ILE B 152 -16.57 0.13 7.98
C ILE B 152 -17.50 0.01 9.20
N PRO B 153 -17.57 -1.18 9.84
CA PRO B 153 -18.32 -1.24 11.11
C PRO B 153 -17.77 -0.29 12.17
N ILE B 154 -16.45 -0.09 12.18
CA ILE B 154 -15.81 0.84 13.14
C ILE B 154 -16.07 2.29 12.77
N VAL B 155 -15.98 2.62 11.47
CA VAL B 155 -16.30 3.97 11.02
C VAL B 155 -17.74 4.33 11.47
N HIS B 156 -18.67 3.39 11.28
CA HIS B 156 -20.06 3.57 11.69
C HIS B 156 -20.20 3.69 13.18
N ALA B 157 -19.43 2.89 13.93
CA ALA B 157 -19.48 2.96 15.39
C ALA B 157 -19.05 4.34 15.91
N VAL B 158 -18.12 4.98 15.20
CA VAL B 158 -17.75 6.35 15.55
C VAL B 158 -18.77 7.37 15.05
N SER B 159 -19.15 7.28 13.78
CA SER B 159 -20.00 8.30 13.18
C SER B 159 -21.43 8.31 13.74
N ARG B 160 -21.86 7.20 14.34
CA ARG B 160 -23.17 7.20 15.03
C ARG B 160 -23.16 7.97 16.35
N VAL B 161 -21.96 8.30 16.85
CA VAL B 161 -21.80 9.04 18.10
C VAL B 161 -21.49 10.52 17.81
N VAL B 162 -20.55 10.76 16.89
CA VAL B 162 -20.12 12.12 16.55
C VAL B 162 -19.93 12.26 15.04
N PRO B 163 -20.02 13.49 14.51
CA PRO B 163 -19.70 13.67 13.08
C PRO B 163 -18.24 13.30 12.80
N VAL B 164 -18.01 12.61 11.69
CA VAL B 164 -16.67 12.23 11.25
C VAL B 164 -16.42 12.88 9.88
N ALA B 165 -15.58 13.90 9.88
CA ALA B 165 -15.32 14.66 8.67
C ALA B 165 -14.44 13.87 7.70
N TYR B 166 -13.67 12.94 8.25
CA TYR B 166 -12.69 12.20 7.45
C TYR B 166 -12.39 10.90 8.18
N ALA B 167 -12.39 9.77 7.45
CA ALA B 167 -12.02 8.50 8.03
C ALA B 167 -11.13 7.76 7.05
N GLU B 168 -10.11 7.12 7.59
CA GLU B 168 -9.09 6.46 6.78
C GLU B 168 -8.85 5.08 7.37
N ILE B 169 -8.73 4.07 6.49
CA ILE B 169 -8.47 2.74 6.99
C ILE B 169 -7.21 2.20 6.34
N VAL B 170 -6.45 1.42 7.12
CA VAL B 170 -5.24 0.76 6.63
C VAL B 170 -5.40 -0.74 6.87
N ALA B 171 -5.41 -1.49 5.77
CA ALA B 171 -5.58 -2.96 5.81
C ALA B 171 -4.26 -3.57 5.39
N ALA B 172 -3.69 -4.38 6.28
CA ALA B 172 -2.45 -5.09 5.99
C ALA B 172 -2.75 -6.59 6.03
N ILE B 173 -2.35 -7.27 4.96
CA ILE B 173 -2.71 -8.65 4.69
CA ILE B 173 -2.67 -8.69 4.84
C ILE B 173 -1.45 -9.47 4.40
N ALA B 174 -1.41 -10.72 4.86
CA ALA B 174 -0.32 -11.66 4.53
C ALA B 174 -0.31 -11.86 3.02
N SER B 175 0.85 -11.67 2.40
CA SER B 175 0.95 -11.81 0.94
CA SER B 175 1.00 -11.82 0.95
C SER B 175 0.42 -13.16 0.43
N ARG B 176 0.62 -14.21 1.21
CA ARG B 176 0.18 -15.58 0.82
C ARG B 176 -1.35 -15.69 0.69
N SER B 177 -2.07 -14.76 1.33
CA SER B 177 -3.55 -14.77 1.30
C SER B 177 -4.17 -13.90 0.18
N ALA B 178 -3.33 -13.15 -0.54
CA ALA B 178 -3.82 -12.30 -1.64
C ALA B 178 -3.43 -13.00 -2.94
N GLY B 179 -4.42 -13.56 -3.62
CA GLY B 179 -4.16 -14.23 -4.91
C GLY B 179 -4.04 -13.24 -6.05
N PRO B 180 -3.73 -13.73 -7.24
CA PRO B 180 -3.67 -12.90 -8.45
C PRO B 180 -4.93 -12.02 -8.67
N GLY B 181 -6.13 -12.52 -8.38
CA GLY B 181 -7.32 -11.70 -8.48
C GLY B 181 -7.31 -10.45 -7.63
N THR B 182 -6.77 -10.56 -6.41
CA THR B 182 -6.64 -9.37 -5.53
C THR B 182 -5.60 -8.41 -6.12
N ARG B 183 -4.48 -8.99 -6.55
CA ARG B 183 -3.35 -8.19 -7.02
C ARG B 183 -3.66 -7.42 -8.28
N ALA B 184 -4.62 -7.92 -9.04
CA ALA B 184 -4.98 -7.27 -10.31
C ALA B 184 -5.96 -6.10 -10.14
N ASN B 185 -6.57 -5.99 -8.97
CA ASN B 185 -7.54 -4.95 -8.70
C ASN B 185 -7.26 -4.10 -7.48
N ILE B 186 -5.97 -3.82 -7.27
CA ILE B 186 -5.57 -2.98 -6.14
C ILE B 186 -6.16 -1.56 -6.19
N ASP B 187 -6.18 -0.93 -7.37
CA ASP B 187 -6.77 0.40 -7.56
CA ASP B 187 -6.75 0.40 -7.46
C ASP B 187 -8.25 0.39 -7.12
N GLU B 188 -8.98 -0.61 -7.62
CA GLU B 188 -10.41 -0.75 -7.32
C GLU B 188 -10.64 -1.01 -5.83
N PHE B 189 -9.74 -1.77 -5.20
CA PHE B 189 -9.79 -1.98 -3.75
C PHE B 189 -9.83 -0.63 -3.04
N THR B 190 -8.87 0.22 -3.39
N THR B 190 -8.88 0.25 -3.30
CA THR B 190 -8.72 1.56 -2.87
CA THR B 190 -8.81 1.50 -2.54
C THR B 190 -9.99 2.36 -3.03
C THR B 190 -9.98 2.42 -2.88
N GLU B 191 -10.43 2.51 -4.27
N GLU B 191 -10.38 2.43 -4.15
CA GLU B 191 -11.56 3.40 -4.56
CA GLU B 191 -11.48 3.30 -4.58
C GLU B 191 -12.90 2.91 -4.02
C GLU B 191 -12.85 2.90 -4.03
N THR B 192 -13.19 1.62 -4.17
CA THR B 192 -14.41 1.05 -3.62
C THR B 192 -14.47 1.14 -2.10
N THR B 193 -13.36 0.86 -1.43
CA THR B 193 -13.35 0.95 0.04
C THR B 193 -13.57 2.40 0.51
N ALA B 194 -12.89 3.33 -0.15
CA ALA B 194 -13.09 4.75 0.15
C ALA B 194 -14.55 5.21 -0.04
N ALA B 195 -15.14 4.83 -1.15
CA ALA B 195 -16.54 5.14 -1.41
C ALA B 195 -17.45 4.57 -0.33
N ALA B 196 -17.15 3.36 0.14
CA ALA B 196 -17.98 2.73 1.16
C ALA B 196 -17.79 3.35 2.54
N ILE B 197 -16.57 3.84 2.81
CA ILE B 197 -16.30 4.56 4.06
C ILE B 197 -17.24 5.74 4.18
N GLU B 198 -17.49 6.41 3.04
CA GLU B 198 -18.39 7.56 2.99
C GLU B 198 -19.86 7.15 3.01
N GLN B 199 -20.25 6.25 2.10
CA GLN B 199 -21.67 5.97 1.86
C GLN B 199 -22.27 5.04 2.88
N VAL B 200 -21.47 4.13 3.40
CA VAL B 200 -21.95 3.16 4.37
C VAL B 200 -21.46 3.49 5.78
N GLY B 201 -20.18 3.85 5.91
CA GLY B 201 -19.60 4.19 7.21
C GLY B 201 -20.06 5.53 7.76
N GLY B 202 -20.51 6.42 6.89
CA GLY B 202 -21.04 7.73 7.34
C GLY B 202 -20.04 8.86 7.51
N ALA B 203 -18.78 8.64 7.11
CA ALA B 203 -17.78 9.72 7.12
C ALA B 203 -17.98 10.65 5.93
N ALA B 204 -17.64 11.94 6.09
CA ALA B 204 -17.85 12.89 4.99
C ALA B 204 -16.86 12.63 3.85
N ARG B 205 -15.64 12.21 4.21
N ARG B 205 -15.68 12.15 4.22
CA ARG B 205 -14.60 11.84 3.24
CA ARG B 205 -14.63 11.82 3.26
C ARG B 205 -13.93 10.56 3.71
C ARG B 205 -13.90 10.57 3.71
N GLY B 206 -13.54 9.71 2.74
CA GLY B 206 -12.91 8.43 3.06
C GLY B 206 -11.62 8.20 2.30
N LYS B 207 -10.73 7.42 2.91
CA LYS B 207 -9.48 7.00 2.25
C LYS B 207 -9.18 5.57 2.69
N ALA B 208 -8.68 4.75 1.77
CA ALA B 208 -8.31 3.38 2.10
C ALA B 208 -6.92 3.02 1.57
N ILE B 209 -6.12 2.36 2.41
CA ILE B 209 -4.78 1.89 2.06
C ILE B 209 -4.73 0.36 2.24
N ILE B 210 -4.10 -0.35 1.30
CA ILE B 210 -3.89 -1.80 1.45
C ILE B 210 -2.40 -2.06 1.25
N ILE B 211 -1.86 -2.86 2.18
N ILE B 211 -1.86 -2.87 2.16
CA ILE B 211 -0.44 -3.25 2.24
CA ILE B 211 -0.44 -3.26 2.17
C ILE B 211 -0.33 -4.79 2.23
C ILE B 211 -0.34 -4.79 2.21
N LEU B 212 0.58 -5.35 1.42
CA LEU B 212 0.83 -6.80 1.42
C LEU B 212 2.20 -7.07 2.05
N ASN B 213 2.21 -7.95 3.06
CA ASN B 213 3.44 -8.25 3.82
C ASN B 213 3.73 -9.75 3.75
N PRO B 214 4.92 -10.15 3.22
CA PRO B 214 5.24 -11.56 3.02
C PRO B 214 5.95 -12.20 4.22
N VAL B 215 5.93 -11.52 5.36
CA VAL B 215 6.69 -11.97 6.54
C VAL B 215 6.35 -13.44 6.88
N GLU B 216 7.33 -14.17 7.40
CA GLU B 216 7.14 -15.53 7.94
C GLU B 216 7.57 -15.49 9.40
N PRO B 217 6.76 -16.06 10.31
CA PRO B 217 5.45 -16.66 10.10
C PRO B 217 4.45 -15.63 9.57
N PRO B 218 3.41 -16.06 8.85
CA PRO B 218 2.58 -15.10 8.15
C PRO B 218 1.80 -14.22 9.10
N MET B 219 1.55 -12.99 8.66
N MET B 219 1.56 -12.99 8.69
CA MET B 219 0.89 -12.03 9.52
CA MET B 219 0.93 -12.05 9.59
C MET B 219 -0.62 -12.28 9.59
C MET B 219 -0.59 -12.15 9.59
N ILE B 220 -1.17 -12.18 10.78
CA ILE B 220 -2.62 -12.13 10.95
C ILE B 220 -3.09 -10.76 10.44
N MET B 221 -4.18 -10.73 9.68
CA MET B 221 -4.65 -9.48 9.10
C MET B 221 -4.76 -8.36 10.15
N ARG B 222 -4.21 -7.20 9.81
CA ARG B 222 -4.37 -6.01 10.66
C ARG B 222 -5.20 -4.98 9.94
N ASP B 223 -6.00 -4.23 10.72
CA ASP B 223 -6.72 -3.10 10.14
C ASP B 223 -6.69 -2.00 11.16
N THR B 224 -6.31 -0.81 10.71
N THR B 224 -6.29 -0.81 10.74
CA THR B 224 -6.34 0.36 11.56
CA THR B 224 -6.35 0.36 11.64
C THR B 224 -7.39 1.28 11.00
C THR B 224 -7.27 1.38 11.04
N VAL B 225 -8.14 1.94 11.88
CA VAL B 225 -9.15 2.90 11.45
C VAL B 225 -8.83 4.22 12.15
N TYR B 226 -8.68 5.28 11.37
CA TYR B 226 -8.47 6.63 11.92
C TYR B 226 -9.70 7.46 11.61
N CYS B 227 -10.30 8.13 12.62
CA CYS B 227 -11.41 9.02 12.34
C CYS B 227 -11.11 10.37 12.92
N ALA B 228 -11.32 11.42 12.12
CA ALA B 228 -11.33 12.81 12.60
C ALA B 228 -12.60 12.99 13.39
N ILE B 229 -12.46 13.49 14.62
CA ILE B 229 -13.62 13.64 15.54
C ILE B 229 -13.58 15.03 16.14
N PRO B 230 -14.73 15.53 16.60
CA PRO B 230 -14.71 16.88 17.20
C PRO B 230 -13.77 16.96 18.40
N PRO B 231 -13.12 18.13 18.62
CA PRO B 231 -12.23 18.25 19.77
C PRO B 231 -12.91 18.09 21.12
N ASP B 232 -14.23 18.23 21.16
CA ASP B 232 -14.98 18.10 22.43
C ASP B 232 -15.78 16.80 22.50
N ALA B 233 -15.39 15.81 21.68
CA ALA B 233 -16.11 14.55 21.67
C ALA B 233 -16.05 13.82 23.01
N ASP B 234 -17.11 13.07 23.34
CA ASP B 234 -17.07 12.18 24.49
C ASP B 234 -16.36 10.89 24.06
N THR B 235 -15.08 10.79 24.39
CA THR B 235 -14.27 9.66 23.95
C THR B 235 -14.66 8.35 24.68
N ASP B 236 -15.24 8.45 25.87
CA ASP B 236 -15.73 7.26 26.56
C ASP B 236 -16.95 6.69 25.82
N ALA B 237 -17.81 7.58 25.31
CA ALA B 237 -18.96 7.15 24.52
C ALA B 237 -18.55 6.51 23.20
N ILE B 238 -17.56 7.12 22.54
CA ILE B 238 -17.04 6.54 21.32
C ILE B 238 -16.46 5.16 21.60
N THR B 239 -15.66 5.02 22.65
CA THR B 239 -15.07 3.71 22.94
C THR B 239 -16.15 2.66 23.22
N ALA B 240 -17.17 3.04 23.97
CA ALA B 240 -18.26 2.10 24.27
C ALA B 240 -18.95 1.64 23.00
N SER B 241 -19.20 2.58 22.07
CA SER B 241 -19.80 2.26 20.79
C SER B 241 -18.92 1.31 19.97
N ILE B 242 -17.63 1.63 19.87
CA ILE B 242 -16.66 0.73 19.23
C ILE B 242 -16.69 -0.69 19.83
N GLU B 243 -16.57 -0.81 21.15
CA GLU B 243 -16.61 -2.11 21.80
C GLU B 243 -17.89 -2.88 21.50
N GLU B 244 -19.03 -2.20 21.53
CA GLU B 244 -20.30 -2.85 21.18
C GLU B 244 -20.29 -3.38 19.75
N MET B 245 -19.78 -2.57 18.82
CA MET B 245 -19.75 -2.99 17.44
C MET B 245 -18.77 -4.17 17.27
N VAL B 246 -17.63 -4.13 17.97
CA VAL B 246 -16.65 -5.23 17.83
C VAL B 246 -17.29 -6.55 18.29
N ALA B 247 -18.05 -6.50 19.38
CA ALA B 247 -18.75 -7.68 19.86
C ALA B 247 -19.77 -8.20 18.85
N GLU B 248 -20.44 -7.28 18.14
CA GLU B 248 -21.44 -7.68 17.13
C GLU B 248 -20.79 -8.34 15.93
N VAL B 249 -19.65 -7.81 15.50
CA VAL B 249 -18.88 -8.45 14.43
C VAL B 249 -18.31 -9.81 14.86
N ALA B 250 -17.82 -9.87 16.11
CA ALA B 250 -17.19 -11.10 16.59
C ALA B 250 -18.18 -12.27 16.72
N ARG B 251 -19.48 -11.98 16.77
CA ARG B 251 -20.47 -13.06 16.79
C ARG B 251 -20.37 -13.92 15.52
N TYR B 252 -19.96 -13.30 14.41
CA TYR B 252 -19.85 -13.97 13.12
C TYR B 252 -18.41 -14.32 12.75
N VAL B 253 -17.45 -13.53 13.22
CA VAL B 253 -16.03 -13.79 12.99
C VAL B 253 -15.34 -13.73 14.35
N PRO B 254 -15.27 -14.86 15.08
CA PRO B 254 -14.81 -14.78 16.46
C PRO B 254 -13.41 -14.25 16.68
N GLY B 255 -12.57 -14.34 15.65
CA GLY B 255 -11.19 -13.83 15.72
C GLY B 255 -11.03 -12.35 15.43
N TYR B 256 -12.15 -11.64 15.34
CA TYR B 256 -12.12 -10.19 15.10
C TYR B 256 -12.00 -9.51 16.45
N THR B 257 -10.84 -8.91 16.70
CA THR B 257 -10.56 -8.35 18.03
C THR B 257 -9.93 -6.97 18.03
N LEU B 258 -10.18 -6.26 19.12
CA LEU B 258 -9.47 -5.03 19.43
C LEU B 258 -8.12 -5.31 20.03
N ARG B 259 -7.08 -4.72 19.43
CA ARG B 259 -5.72 -4.93 19.92
C ARG B 259 -5.41 -4.16 21.19
N THR B 260 -5.96 -2.95 21.27
N THR B 260 -6.01 -3.00 21.31
CA THR B 260 -5.68 -1.97 22.33
CA THR B 260 -5.80 -2.14 22.46
C THR B 260 -6.97 -1.19 22.53
C THR B 260 -7.01 -1.23 22.58
N GLU B 261 -7.03 -0.39 23.60
CA GLU B 261 -8.06 0.66 23.75
C GLU B 261 -7.96 1.59 22.54
N PRO B 262 -9.09 2.13 22.06
CA PRO B 262 -8.96 3.15 21.03
C PRO B 262 -8.08 4.27 21.54
N GLN B 263 -7.22 4.78 20.67
CA GLN B 263 -6.27 5.82 21.04
C GLN B 263 -6.73 7.20 20.58
N TYR B 264 -6.86 8.12 21.52
CA TYR B 264 -7.32 9.45 21.19
C TYR B 264 -6.16 10.42 21.18
N ASP B 265 -6.15 11.30 20.19
CA ASP B 265 -5.12 12.33 20.10
C ASP B 265 -5.74 13.71 20.01
N GLN B 266 -5.05 14.67 20.62
CA GLN B 266 -5.54 16.04 20.75
C GLN B 266 -5.54 16.74 19.38
N PRO B 267 -6.35 17.80 19.24
CA PRO B 267 -6.39 18.50 17.94
C PRO B 267 -5.02 19.04 17.50
N ARG B 268 -4.82 19.09 16.18
N ARG B 268 -4.83 19.10 16.19
CA ARG B 268 -3.64 19.70 15.57
CA ARG B 268 -3.66 19.73 15.59
C ARG B 268 -4.11 20.64 14.47
C ARG B 268 -4.12 20.66 14.49
N ASP B 269 -3.31 21.67 14.19
CA ASP B 269 -3.62 22.62 13.11
C ASP B 269 -3.74 21.92 11.75
N ILE B 270 -2.80 21.03 11.47
CA ILE B 270 -2.78 20.23 10.24
C ILE B 270 -4.07 19.39 10.12
N TRP B 271 -4.69 19.07 11.26
CA TRP B 271 -5.95 18.31 11.25
C TRP B 271 -7.17 19.22 11.24
N LYS B 272 -6.98 20.47 10.79
N LYS B 272 -6.99 20.48 10.81
CA LYS B 272 -8.04 21.49 10.76
CA LYS B 272 -8.08 21.47 10.75
C LYS B 272 -8.77 21.61 12.10
C LYS B 272 -8.75 21.69 12.11
N GLY B 273 -8.01 21.47 13.19
CA GLY B 273 -8.53 21.64 14.56
C GLY B 273 -9.35 20.46 15.07
N MET B 274 -9.43 19.40 14.29
CA MET B 274 -10.12 18.19 14.73
C MET B 274 -9.16 17.31 15.53
N ALA B 275 -9.73 16.51 16.44
CA ALA B 275 -8.98 15.50 17.15
C ALA B 275 -9.04 14.20 16.31
N ARG B 276 -8.48 13.13 16.84
CA ARG B 276 -8.47 11.86 16.14
C ARG B 276 -8.74 10.73 17.10
N VAL B 277 -9.38 9.68 16.60
CA VAL B 277 -9.39 8.38 17.25
C VAL B 277 -8.75 7.39 16.28
N ALA B 278 -7.94 6.52 16.83
CA ALA B 278 -7.29 5.44 16.09
C ALA B 278 -7.69 4.12 16.72
N VAL B 279 -8.13 3.17 15.89
CA VAL B 279 -8.67 1.93 16.39
C VAL B 279 -7.85 0.82 15.74
N PHE B 280 -7.29 -0.06 16.56
CA PHE B 280 -6.39 -1.11 16.07
C PHE B 280 -7.04 -2.46 16.18
N LEU B 281 -7.27 -3.09 15.02
CA LEU B 281 -7.92 -4.40 14.96
C LEU B 281 -6.97 -5.45 14.46
N GLU B 282 -7.19 -6.69 14.90
CA GLU B 282 -6.54 -7.85 14.31
C GLU B 282 -7.68 -8.77 13.90
N VAL B 283 -7.55 -9.45 12.76
CA VAL B 283 -8.64 -10.32 12.31
C VAL B 283 -8.10 -11.71 12.06
N ARG B 284 -8.31 -12.61 13.03
N ARG B 284 -8.35 -12.61 13.01
N ARG B 284 -8.28 -12.60 13.04
CA ARG B 284 -7.97 -14.01 12.88
CA ARG B 284 -7.97 -14.00 12.88
CA ARG B 284 -7.98 -14.03 12.87
C ARG B 284 -9.16 -14.74 12.26
C ARG B 284 -9.15 -14.79 12.31
C ARG B 284 -9.17 -14.70 12.22
N GLY B 285 -8.88 -15.63 11.32
CA GLY B 285 -9.91 -16.41 10.66
C GLY B 285 -10.09 -17.74 11.35
N ASN B 286 -11.02 -18.56 10.86
N ASN B 286 -11.02 -18.52 10.79
CA ASN B 286 -11.19 -19.87 11.48
CA ASN B 286 -11.39 -19.85 11.27
C ASN B 286 -10.37 -21.00 10.86
C ASN B 286 -10.47 -20.98 10.77
N GLY B 287 -9.60 -20.70 9.81
CA GLY B 287 -8.74 -21.71 9.18
C GLY B 287 -9.46 -22.69 8.26
N ASP B 288 -10.61 -22.28 7.72
CA ASP B 288 -11.39 -23.16 6.81
C ASP B 288 -10.63 -23.58 5.56
N TYR B 289 -9.88 -22.66 4.98
CA TYR B 289 -9.14 -22.95 3.76
C TYR B 289 -7.67 -22.62 3.99
N LEU B 290 -7.36 -21.33 4.12
CA LEU B 290 -6.03 -20.94 4.54
C LEU B 290 -6.01 -20.90 6.06
N PRO B 291 -4.83 -20.80 6.66
CA PRO B 291 -4.74 -20.82 8.12
C PRO B 291 -5.41 -19.55 8.74
N PRO B 292 -5.52 -19.51 10.06
CA PRO B 292 -6.21 -18.41 10.73
C PRO B 292 -5.59 -17.03 10.52
N TRP B 293 -4.33 -16.95 10.11
CA TRP B 293 -3.77 -15.64 9.85
C TRP B 293 -4.47 -14.94 8.72
N ALA B 294 -5.11 -15.71 7.86
CA ALA B 294 -5.84 -15.18 6.69
C ALA B 294 -7.29 -14.78 7.03
N GLY B 295 -7.42 -14.00 8.11
CA GLY B 295 -8.72 -13.50 8.58
C GLY B 295 -9.38 -12.56 7.58
N ASN B 296 -8.56 -12.01 6.67
CA ASN B 296 -9.10 -11.25 5.55
C ASN B 296 -10.07 -12.03 4.69
N LEU B 297 -9.85 -13.34 4.52
CA LEU B 297 -10.82 -14.15 3.81
C LEU B 297 -12.13 -14.21 4.60
N ASP B 298 -12.04 -14.56 5.88
CA ASP B 298 -13.25 -14.76 6.71
C ASP B 298 -14.09 -13.49 6.83
N ILE B 299 -13.45 -12.33 6.99
CA ILE B 299 -14.23 -11.12 7.24
C ILE B 299 -15.12 -10.81 6.03
N MET B 300 -14.63 -11.19 4.84
CA MET B 300 -15.41 -11.03 3.62
C MET B 300 -16.42 -12.17 3.45
N THR B 301 -15.95 -13.40 3.57
CA THR B 301 -16.85 -14.52 3.26
C THR B 301 -17.99 -14.70 4.25
N ALA B 302 -17.74 -14.46 5.54
CA ALA B 302 -18.81 -14.42 6.54
C ALA B 302 -19.84 -13.34 6.25
N ALA B 303 -19.38 -12.19 5.77
CA ALA B 303 -20.28 -11.11 5.36
C ALA B 303 -21.13 -11.54 4.16
N ALA B 304 -20.49 -12.16 3.15
CA ALA B 304 -21.22 -12.61 1.95
C ALA B 304 -22.23 -13.70 2.30
N ALA B 305 -21.88 -14.54 3.27
CA ALA B 305 -22.76 -15.63 3.69
C ALA B 305 -24.00 -15.04 4.38
N ARG B 306 -23.81 -13.99 5.16
CA ARG B 306 -24.96 -13.34 5.85
C ARG B 306 -25.96 -12.79 4.84
N VAL B 307 -25.44 -12.10 3.82
CA VAL B 307 -26.27 -11.55 2.75
C VAL B 307 -26.94 -12.68 1.98
N GLY B 308 -26.15 -13.68 1.59
CA GLY B 308 -26.68 -14.85 0.90
C GLY B 308 -27.80 -15.56 1.64
N GLU B 309 -27.66 -15.73 2.96
CA GLU B 309 -28.69 -16.42 3.75
C GLU B 309 -30.04 -15.69 3.71
N LEU B 310 -29.99 -14.35 3.66
CA LEU B 310 -31.23 -13.57 3.56
C LEU B 310 -31.77 -13.55 2.14
N LEU B 311 -30.89 -13.45 1.16
CA LEU B 311 -31.34 -13.49 -0.25
C LEU B 311 -31.95 -14.85 -0.59
N ALA B 312 -31.40 -15.91 0.01
CA ALA B 312 -31.90 -17.29 -0.18
C ALA B 312 -33.34 -17.48 0.27
N GLN B 313 -33.81 -16.64 1.19
CA GLN B 313 -35.14 -16.81 1.79
C GLN B 313 -36.25 -16.00 1.11
N ALA B 314 -35.88 -15.17 0.13
CA ALA B 314 -36.85 -14.49 -0.72
C ALA B 314 -37.71 -15.51 -1.52
N PRO B 315 -39.00 -15.19 -1.75
CA PRO B 315 -39.96 -16.09 -2.43
C PRO B 315 -39.45 -16.74 -3.73
N ALA C 1 -3.33 -14.51 -13.36
CA ALA C 1 -3.43 -15.99 -13.50
C ALA C 1 -2.76 -16.72 -12.33
N ALA C 2 -1.45 -16.79 -12.37
CA ALA C 2 -0.66 -17.24 -11.24
C ALA C 2 0.25 -16.09 -10.83
N ALA C 3 1.22 -16.38 -9.97
CA ALA C 3 2.26 -15.40 -9.67
C ALA C 3 3.51 -15.72 -10.49
#